data_1OL1
#
_entry.id   1OL1
#
_cell.length_a   74.498
_cell.length_b   113.471
_cell.length_c   154.482
_cell.angle_alpha   90.00
_cell.angle_beta   90.00
_cell.angle_gamma   90.00
#
_symmetry.space_group_name_H-M   'P 21 21 21'
#
loop_
_entity.id
_entity.type
_entity.pdbx_description
1 polymer 'CELL DIVISION PROTEIN KINASE 2'
2 polymer 'CYCLIN A2'
3 polymer CIR-CIR-LEU-ILE-PFF-NH2
4 water water
#
loop_
_entity_poly.entity_id
_entity_poly.type
_entity_poly.pdbx_seq_one_letter_code
_entity_poly.pdbx_strand_id
1 'polypeptide(L)'
;MENFQKVEKIGEGTYGVVYKARNKLTGEVVALKKIRLDTETEGVPSTAIREISLLKELNHPNIVKLLDVIHTENKLYLVF
EFLHQDLKKFMDASALTGIPLPLIKSYLFQLLQGLAFCHSHRVLHRDLKPQNLLINTEGAIKLADFGLARAFGVPVRTYT
HEVVTLWYRAPEILLGCKYYSTAVDIWSLGCIFAEMVTRRALFPGDSEIDQLFRIFRTLGTPDEVVWPGVTSMPDYKPSF
PKWARQDFSKVVPPLDEDGRSLLSQMLHYDPNKRISAKAALAHPFFQDVTKPVPHLRL
;
A,C
2 'polypeptide(L)'
;NEVPDYHEDIHTYLREMEVKCKPKVGYMKKQPDITNSMRAILVDWLVEVGEEYKLQNETLHLAVNYIDRFLSSMSVLRGK
LQLVGTAAMLLASKFEEIYPPEVAEFVYITDDTYTKKQVLRMEHLVLKVLTFDLAAPTVNQFLTQYFLHQQPANCKVESL
AMFLGELSLIDADPYLKYLPSVIAGAAFHLALYTVTGQSWPESLIRKTGYTLESLKPCLMDLHQTYLKAPQHAQQSIREK
YKNSKYHGVSLLNPPETLNL
;
B,D
3 'polypeptide(L)' (CIR)(CIR)LI(PFF)(NH2) F,H
#
# COMPACT_ATOMS: atom_id res chain seq x y z
N MET A 1 -10.92 17.48 1.17
CA MET A 1 -11.00 18.82 0.47
C MET A 1 -11.23 19.98 1.42
N GLU A 2 -11.71 19.63 2.60
CA GLU A 2 -12.09 20.61 3.57
C GLU A 2 -10.82 21.24 4.09
N ASN A 3 -9.69 20.54 3.91
CA ASN A 3 -8.43 21.01 4.51
C ASN A 3 -7.66 22.01 3.64
N PHE A 4 -8.17 22.24 2.43
CA PHE A 4 -7.48 23.04 1.44
C PHE A 4 -8.27 24.30 1.17
N GLN A 5 -7.59 25.44 1.26
CA GLN A 5 -8.22 26.71 0.97
C GLN A 5 -7.65 27.32 -0.32
N LYS A 6 -8.55 27.54 -1.28
CA LYS A 6 -8.16 28.01 -2.59
C LYS A 6 -7.71 29.45 -2.45
N VAL A 7 -6.51 29.74 -2.93
CA VAL A 7 -5.95 31.06 -2.69
C VAL A 7 -6.12 31.88 -3.96
N GLU A 8 -5.84 31.20 -5.07
CA GLU A 8 -5.96 31.83 -6.38
C GLU A 8 -5.61 30.85 -7.52
N LYS A 9 -6.15 31.14 -8.70
CA LYS A 9 -5.94 30.29 -9.84
C LYS A 9 -4.68 30.69 -10.53
N ILE A 10 -3.78 29.75 -10.76
CA ILE A 10 -2.45 30.14 -11.18
C ILE A 10 -2.24 29.60 -12.59
N GLY A 11 -3.32 29.47 -13.34
CA GLY A 11 -3.14 28.88 -14.66
C GLY A 11 -4.13 27.72 -14.79
N GLU A 12 -3.92 26.87 -15.79
CA GLU A 12 -4.95 25.92 -16.20
C GLU A 12 -4.53 25.37 -17.55
N GLY A 13 -5.46 24.61 -18.13
CA GLY A 13 -5.17 23.82 -19.32
C GLY A 13 -6.01 22.55 -19.42
N THR A 14 -5.33 21.41 -19.59
CA THR A 14 -6.03 20.14 -19.46
C THR A 14 -6.84 20.08 -18.15
N TYR A 15 -7.64 19.03 -18.01
CA TYR A 15 -8.49 18.92 -16.79
C TYR A 15 -9.34 20.17 -16.45
N GLY A 16 -8.71 21.16 -15.79
CA GLY A 16 -9.30 22.48 -15.67
C GLY A 16 -8.70 23.33 -14.56
N VAL A 17 -9.00 24.63 -14.57
CA VAL A 17 -8.61 25.49 -13.44
C VAL A 17 -7.62 24.77 -12.49
N VAL A 18 -6.50 25.42 -12.19
CA VAL A 18 -5.50 24.88 -11.25
C VAL A 18 -5.17 26.00 -10.32
N TYR A 19 -5.49 25.79 -9.05
CA TYR A 19 -5.32 26.87 -8.05
C TYR A 19 -4.09 26.63 -7.22
N LYS A 20 -3.43 27.70 -6.79
CA LYS A 20 -2.58 27.62 -5.61
C LYS A 20 -3.53 27.40 -4.43
N ALA A 21 -3.12 26.61 -3.44
CA ALA A 21 -3.87 26.57 -2.20
C ALA A 21 -3.05 26.02 -1.05
N ARG A 22 -3.42 26.38 0.19
CA ARG A 22 -2.60 25.95 1.31
C ARG A 22 -3.41 24.99 2.17
N ASN A 23 -2.76 23.93 2.67
CA ASN A 23 -3.36 23.02 3.66
C ASN A 23 -3.58 23.78 4.96
N LYS A 24 -4.82 23.91 5.38
CA LYS A 24 -5.15 24.73 6.53
C LYS A 24 -4.63 24.09 7.80
N LEU A 25 -4.11 22.88 7.68
CA LEU A 25 -3.62 22.13 8.81
C LEU A 25 -2.07 22.10 8.98
N THR A 26 -1.37 21.91 7.86
CA THR A 26 0.07 21.75 7.84
C THR A 26 0.70 23.03 7.43
N GLY A 27 0.11 23.68 6.43
CA GLY A 27 0.57 24.99 5.98
C GLY A 27 1.22 24.91 4.62
N GLU A 28 1.42 23.69 4.13
CA GLU A 28 2.00 23.46 2.81
C GLU A 28 1.23 24.24 1.73
N VAL A 29 1.91 24.62 0.68
CA VAL A 29 1.27 25.24 -0.47
C VAL A 29 1.29 24.30 -1.66
N VAL A 30 0.12 24.12 -2.24
CA VAL A 30 0.01 23.16 -3.31
C VAL A 30 -0.76 23.73 -4.48
N ALA A 31 -0.60 23.07 -5.63
CA ALA A 31 -1.44 23.33 -6.80
C ALA A 31 -2.48 22.23 -6.84
N LEU A 32 -3.74 22.61 -6.71
CA LEU A 32 -4.83 21.70 -6.95
C LEU A 32 -5.22 21.71 -8.43
N LYS A 33 -4.98 20.61 -9.13
CA LYS A 33 -5.70 20.33 -10.37
C LYS A 33 -7.10 19.85 -10.06
N LYS A 34 -8.07 20.58 -10.59
CA LYS A 34 -9.47 20.27 -10.37
C LYS A 34 -10.15 19.86 -11.67
N ILE A 35 -10.28 18.54 -11.85
CA ILE A 35 -10.83 17.94 -13.07
C ILE A 35 -12.32 17.73 -13.00
N ARG A 36 -12.99 18.18 -14.06
CA ARG A 36 -14.37 18.62 -13.94
C ARG A 36 -15.29 17.41 -13.78
N LEU A 37 -15.19 16.47 -14.72
CA LEU A 37 -15.91 15.21 -14.57
C LEU A 37 -17.25 15.21 -15.33
N ASP A 38 -17.44 14.23 -16.21
CA ASP A 38 -18.76 13.99 -16.82
C ASP A 38 -19.35 12.64 -16.39
N THR A 39 -20.08 12.63 -15.28
CA THR A 39 -20.53 11.36 -14.68
C THR A 39 -21.65 10.74 -15.54
N GLU A 40 -22.19 11.49 -16.49
CA GLU A 40 -23.27 11.00 -17.35
C GLU A 40 -22.81 10.52 -18.76
N THR A 41 -21.80 11.15 -19.34
CA THR A 41 -21.56 10.93 -20.76
C THR A 41 -20.11 10.99 -21.13
N GLU A 42 -19.27 10.36 -20.33
CA GLU A 42 -17.84 10.26 -20.65
C GLU A 42 -17.00 9.52 -19.60
N GLY A 43 -17.04 9.97 -18.35
CA GLY A 43 -16.37 9.32 -17.22
C GLY A 43 -15.16 10.08 -16.75
N VAL A 44 -14.12 9.34 -16.36
CA VAL A 44 -12.80 9.91 -16.21
C VAL A 44 -12.08 9.98 -17.54
N PRO A 45 -11.63 11.16 -17.88
CA PRO A 45 -10.93 11.39 -19.14
C PRO A 45 -9.55 10.71 -19.23
N SER A 46 -9.20 10.26 -20.43
CA SER A 46 -8.00 9.51 -20.66
C SER A 46 -6.77 10.25 -20.08
N THR A 47 -6.67 11.57 -20.26
CA THR A 47 -5.52 12.32 -19.77
C THR A 47 -5.36 12.16 -18.27
N ALA A 48 -6.44 12.35 -17.52
CA ALA A 48 -6.40 12.07 -16.07
C ALA A 48 -5.91 10.67 -15.78
N ILE A 49 -6.46 9.66 -16.46
CA ILE A 49 -6.07 8.27 -16.23
C ILE A 49 -4.55 8.09 -16.34
N ARG A 50 -3.94 8.78 -17.29
CA ARG A 50 -2.54 8.56 -17.65
C ARG A 50 -1.67 9.30 -16.67
N GLU A 51 -1.94 10.58 -16.54
CA GLU A 51 -1.21 11.40 -15.60
C GLU A 51 -1.10 10.78 -14.22
N ILE A 52 -2.17 10.20 -13.75
CA ILE A 52 -2.19 9.87 -12.35
C ILE A 52 -1.40 8.62 -12.18
N SER A 53 -1.60 7.68 -13.10
CA SER A 53 -0.97 6.37 -13.00
C SER A 53 0.54 6.39 -13.22
N LEU A 54 0.96 7.02 -14.32
CA LEU A 54 2.39 7.24 -14.57
C LEU A 54 3.12 8.08 -13.50
N LEU A 55 2.55 9.22 -13.13
CA LEU A 55 3.16 10.00 -12.07
C LEU A 55 3.22 9.29 -10.74
N LYS A 56 2.28 8.40 -10.48
CA LYS A 56 2.24 7.68 -9.21
C LYS A 56 3.49 6.75 -9.15
N GLU A 57 4.21 6.61 -10.26
CA GLU A 57 5.33 5.66 -10.34
C GLU A 57 6.65 6.41 -10.52
N LEU A 58 6.61 7.69 -10.81
CA LEU A 58 7.82 8.45 -11.07
C LEU A 58 8.15 9.34 -9.90
N ASN A 59 8.77 8.80 -8.86
CA ASN A 59 9.22 9.66 -7.76
C ASN A 59 10.62 10.18 -8.03
N HIS A 60 10.78 11.49 -8.23
CA HIS A 60 12.07 12.05 -8.68
C HIS A 60 12.18 13.56 -8.69
N PRO A 61 13.35 14.09 -8.35
CA PRO A 61 13.45 15.53 -8.06
C PRO A 61 13.07 16.45 -9.23
N ASN A 62 13.38 16.03 -10.45
CA ASN A 62 13.05 16.79 -11.67
C ASN A 62 11.75 16.38 -12.40
N ILE A 63 10.81 15.80 -11.64
CA ILE A 63 9.50 15.45 -12.13
C ILE A 63 8.46 15.83 -11.11
N VAL A 64 7.52 16.65 -11.54
CA VAL A 64 6.58 17.27 -10.61
C VAL A 64 5.93 16.19 -9.76
N LYS A 65 5.76 16.47 -8.47
CA LYS A 65 5.38 15.45 -7.53
C LYS A 65 3.87 15.39 -7.38
N LEU A 66 3.25 14.31 -7.81
CA LEU A 66 1.89 14.07 -7.38
C LEU A 66 1.80 13.66 -5.92
N LEU A 67 1.03 14.36 -5.12
CA LEU A 67 0.99 14.14 -3.67
C LEU A 67 -0.21 13.32 -3.19
N ASP A 68 -1.39 13.60 -3.73
CA ASP A 68 -2.62 12.94 -3.29
C ASP A 68 -3.59 13.01 -4.42
N VAL A 69 -4.47 12.01 -4.48
CA VAL A 69 -5.66 12.15 -5.31
C VAL A 69 -6.91 12.08 -4.46
N ILE A 70 -7.85 12.97 -4.72
CA ILE A 70 -9.05 13.06 -3.89
C ILE A 70 -10.28 12.92 -4.74
N HIS A 71 -10.97 11.81 -4.53
CA HIS A 71 -11.77 11.25 -5.60
C HIS A 71 -13.20 11.15 -5.07
N THR A 72 -13.89 12.28 -5.02
CA THR A 72 -15.34 12.30 -4.73
C THR A 72 -16.30 11.84 -5.86
N GLU A 73 -17.60 11.84 -5.58
CA GLU A 73 -18.62 11.32 -6.51
C GLU A 73 -18.72 12.13 -7.82
N ASN A 74 -18.60 13.46 -7.74
CA ASN A 74 -18.76 14.34 -8.91
C ASN A 74 -17.54 15.21 -9.23
N LYS A 75 -16.44 15.00 -8.49
CA LYS A 75 -15.25 15.84 -8.63
C LYS A 75 -13.96 15.06 -8.35
N LEU A 76 -12.88 15.41 -9.05
CA LEU A 76 -11.66 14.64 -8.94
C LEU A 76 -10.47 15.55 -8.77
N TYR A 77 -9.93 15.68 -7.56
CA TYR A 77 -8.87 16.67 -7.31
C TYR A 77 -7.49 16.01 -7.32
N LEU A 78 -6.55 16.63 -8.02
CA LEU A 78 -5.14 16.25 -7.90
C LEU A 78 -4.32 17.28 -7.15
N VAL A 79 -3.31 16.83 -6.42
CA VAL A 79 -2.60 17.70 -5.49
C VAL A 79 -1.11 17.60 -5.78
N PHE A 80 -0.52 18.74 -6.12
CA PHE A 80 0.85 18.78 -6.63
C PHE A 80 1.72 19.68 -5.76
N GLU A 81 2.99 19.37 -5.61
CA GLU A 81 3.93 20.36 -5.14
C GLU A 81 3.74 21.67 -5.96
N PHE A 82 3.79 22.82 -5.30
CA PHE A 82 3.81 24.12 -5.99
C PHE A 82 5.12 24.45 -6.61
N LEU A 83 5.04 24.96 -7.82
CA LEU A 83 6.22 25.62 -8.36
C LEU A 83 5.80 26.98 -8.92
N HIS A 84 6.77 27.87 -9.11
CA HIS A 84 6.47 29.29 -9.14
C HIS A 84 6.08 29.80 -10.54
N GLN A 85 6.59 29.16 -11.57
CA GLN A 85 6.10 29.48 -12.88
C GLN A 85 6.74 28.57 -13.90
N ASP A 86 6.40 28.79 -15.18
CA ASP A 86 6.83 27.89 -16.25
C ASP A 86 7.97 28.51 -17.04
N LEU A 87 8.89 27.68 -17.54
CA LEU A 87 9.95 28.13 -18.43
C LEU A 87 9.40 29.16 -19.41
N LYS A 88 8.22 28.91 -19.98
CA LYS A 88 7.68 29.73 -21.07
C LYS A 88 7.44 31.19 -20.66
N LYS A 89 6.70 31.41 -19.58
CA LYS A 89 6.44 32.77 -19.13
C LYS A 89 7.70 33.39 -18.51
N PHE A 90 8.67 32.55 -18.16
CA PHE A 90 9.93 33.05 -17.64
C PHE A 90 10.69 33.70 -18.78
N MET A 91 10.68 33.05 -19.95
CA MET A 91 11.44 33.47 -21.11
C MET A 91 10.88 34.76 -21.73
N ASP A 92 9.57 34.89 -21.87
CA ASP A 92 8.95 36.19 -22.16
C ASP A 92 9.50 37.32 -21.28
N ALA A 93 9.72 37.05 -19.99
CA ALA A 93 10.20 38.08 -19.06
C ALA A 93 11.72 38.28 -19.13
N SER A 94 12.43 37.23 -19.55
CA SER A 94 13.87 37.28 -19.68
C SER A 94 14.30 37.60 -21.12
N ALA A 95 13.32 37.68 -22.03
CA ALA A 95 13.63 37.96 -23.44
C ALA A 95 13.87 39.45 -23.59
N LEU A 96 14.97 39.81 -24.26
CA LEU A 96 15.57 41.14 -24.10
C LEU A 96 16.92 41.13 -23.37
N THR A 97 16.97 40.58 -22.16
CA THR A 97 18.25 40.29 -21.51
C THR A 97 18.79 38.92 -21.95
N GLY A 98 17.90 37.92 -22.02
CA GLY A 98 18.33 36.54 -22.23
C GLY A 98 18.47 35.81 -20.90
N ILE A 99 18.06 34.54 -20.89
CA ILE A 99 18.41 33.65 -19.81
C ILE A 99 19.91 33.41 -19.87
N PRO A 100 20.58 33.72 -18.77
CA PRO A 100 22.02 33.45 -18.56
C PRO A 100 22.52 32.06 -18.94
N LEU A 101 23.63 31.99 -19.69
CA LEU A 101 24.15 30.72 -20.17
C LEU A 101 24.11 29.67 -19.06
N PRO A 102 24.74 29.99 -17.93
CA PRO A 102 24.92 28.99 -16.86
C PRO A 102 23.60 28.42 -16.33
N LEU A 103 22.54 29.22 -16.35
CA LEU A 103 21.26 28.76 -15.89
C LEU A 103 20.69 27.77 -16.91
N ILE A 104 20.80 28.12 -18.20
CA ILE A 104 20.29 27.29 -19.28
C ILE A 104 20.94 25.91 -19.23
N LYS A 105 22.22 25.87 -18.90
CA LYS A 105 22.90 24.58 -18.78
C LYS A 105 22.40 23.77 -17.57
N SER A 106 22.10 24.44 -16.47
CA SER A 106 21.52 23.77 -15.31
C SER A 106 20.20 23.17 -15.76
N TYR A 107 19.39 23.96 -16.46
CA TYR A 107 18.07 23.54 -16.86
C TYR A 107 18.12 22.30 -17.76
N LEU A 108 18.96 22.32 -18.79
CA LEU A 108 19.07 21.22 -19.73
C LEU A 108 19.46 19.98 -18.96
N PHE A 109 20.29 20.17 -17.93
CA PHE A 109 20.97 19.04 -17.25
C PHE A 109 19.96 18.35 -16.38
N GLN A 110 19.13 19.16 -15.73
CA GLN A 110 18.02 18.68 -14.90
C GLN A 110 16.93 18.02 -15.79
N LEU A 111 16.61 18.61 -16.95
CA LEU A 111 15.53 18.08 -17.77
C LEU A 111 16.01 16.76 -18.28
N LEU A 112 17.33 16.61 -18.34
CA LEU A 112 17.87 15.41 -19.00
C LEU A 112 17.97 14.27 -18.02
N GLN A 113 17.93 14.61 -16.74
CA GLN A 113 17.90 13.59 -15.72
C GLN A 113 16.49 13.07 -15.54
N GLY A 114 15.51 13.96 -15.57
CA GLY A 114 14.10 13.60 -15.42
C GLY A 114 13.57 12.88 -16.63
N LEU A 115 13.86 13.41 -17.81
CA LEU A 115 13.56 12.69 -19.03
C LEU A 115 14.15 11.27 -19.01
N ALA A 116 15.39 11.17 -18.53
CA ALA A 116 16.09 9.89 -18.50
C ALA A 116 15.39 8.92 -17.54
N PHE A 117 14.94 9.48 -16.43
CA PHE A 117 14.30 8.68 -15.42
C PHE A 117 12.96 8.24 -15.99
N CYS A 118 12.36 9.03 -16.91
CA CYS A 118 11.02 8.74 -17.44
C CYS A 118 11.19 7.59 -18.41
N HIS A 119 12.17 7.71 -19.31
CA HIS A 119 12.33 6.77 -20.41
C HIS A 119 12.80 5.40 -19.90
N SER A 120 13.51 5.41 -18.78
CA SER A 120 13.93 4.18 -18.15
C SER A 120 12.83 3.53 -17.29
N HIS A 121 11.71 4.23 -17.15
CA HIS A 121 10.48 3.63 -16.65
C HIS A 121 9.40 3.54 -17.76
N ARG A 122 9.80 3.15 -18.96
CA ARG A 122 8.88 2.99 -20.08
C ARG A 122 7.82 4.07 -20.06
N VAL A 123 8.22 5.33 -20.09
CA VAL A 123 7.25 6.41 -20.16
C VAL A 123 7.77 7.49 -21.07
N LEU A 124 7.03 7.80 -22.13
CA LEU A 124 7.33 8.99 -22.95
C LEU A 124 6.51 10.12 -22.42
N HIS A 125 6.93 11.33 -22.75
CA HIS A 125 6.11 12.49 -22.43
C HIS A 125 5.25 12.87 -23.60
N ARG A 126 5.89 12.92 -24.78
CA ARG A 126 5.21 13.22 -26.04
C ARG A 126 4.70 14.67 -26.17
N ASP A 127 4.92 15.49 -25.15
CA ASP A 127 4.45 16.87 -25.16
C ASP A 127 5.35 17.78 -24.33
N LEU A 128 6.67 17.66 -24.52
CA LEU A 128 7.60 18.61 -23.91
C LEU A 128 7.45 19.96 -24.59
N LYS A 129 7.47 21.03 -23.80
CA LYS A 129 7.45 22.37 -24.35
C LYS A 129 7.51 23.34 -23.21
N PRO A 130 8.16 24.48 -23.43
CA PRO A 130 8.54 25.42 -22.38
C PRO A 130 7.41 25.71 -21.39
N GLN A 131 6.18 25.76 -21.91
CA GLN A 131 5.02 26.02 -21.07
C GLN A 131 4.61 24.83 -20.23
N ASN A 132 5.26 23.67 -20.41
CA ASN A 132 5.02 22.51 -19.54
C ASN A 132 6.24 22.17 -18.70
N LEU A 133 7.10 23.15 -18.44
CA LEU A 133 8.29 22.96 -17.62
C LEU A 133 8.33 23.95 -16.43
N LEU A 134 8.34 23.43 -15.21
CA LEU A 134 8.15 24.29 -14.06
C LEU A 134 9.49 24.67 -13.46
N ILE A 135 9.61 25.92 -13.05
CA ILE A 135 10.77 26.38 -12.28
C ILE A 135 10.37 26.86 -10.86
N ASN A 136 11.19 26.52 -9.87
CA ASN A 136 11.11 27.22 -8.58
C ASN A 136 12.28 28.22 -8.38
N THR A 137 12.22 28.95 -7.27
CA THR A 137 13.21 29.99 -6.93
C THR A 137 14.53 29.39 -6.44
N GLU A 138 14.53 28.11 -6.09
CA GLU A 138 15.77 27.46 -5.72
C GLU A 138 16.47 26.84 -6.95
N GLY A 139 16.09 27.28 -8.16
CA GLY A 139 16.72 26.88 -9.40
C GLY A 139 16.35 25.52 -9.98
N ALA A 140 15.42 24.79 -9.35
CA ALA A 140 14.94 23.51 -9.88
C ALA A 140 13.99 23.74 -11.05
N ILE A 141 14.16 22.92 -12.08
CA ILE A 141 13.16 22.73 -13.13
C ILE A 141 12.65 21.28 -13.13
N LYS A 142 11.36 21.09 -13.39
CA LYS A 142 10.74 19.75 -13.39
C LYS A 142 9.76 19.52 -14.57
N LEU A 143 9.75 18.31 -15.11
CA LEU A 143 8.75 17.98 -16.12
C LEU A 143 7.41 18.00 -15.42
N ALA A 144 6.39 18.49 -16.10
CA ALA A 144 5.04 18.51 -15.56
C ALA A 144 3.99 18.18 -16.63
N ASP A 145 2.74 18.02 -16.21
CA ASP A 145 1.64 17.71 -17.14
C ASP A 145 1.80 16.42 -17.94
N PHE A 146 1.48 15.28 -17.34
CA PHE A 146 1.74 14.01 -18.00
C PHE A 146 0.51 13.52 -18.77
N GLY A 147 -0.30 14.48 -19.25
CA GLY A 147 -1.60 14.16 -19.80
C GLY A 147 -1.55 13.37 -21.10
N LEU A 148 -0.63 13.73 -21.98
CA LEU A 148 -0.51 12.95 -23.20
C LEU A 148 0.56 11.86 -23.06
N ALA A 149 0.98 11.58 -21.82
CA ALA A 149 2.17 10.75 -21.68
C ALA A 149 1.68 9.34 -21.87
N ARG A 150 2.49 8.47 -22.46
CA ARG A 150 2.07 7.09 -22.69
C ARG A 150 3.17 6.15 -22.24
N ALA A 151 2.79 5.01 -21.68
CA ALA A 151 3.74 3.97 -21.34
C ALA A 151 4.10 3.14 -22.55
N PHE A 152 5.38 2.84 -22.73
CA PHE A 152 5.79 2.03 -23.88
C PHE A 152 6.43 0.70 -23.58
N GLY A 153 5.71 -0.12 -22.81
CA GLY A 153 6.00 -1.55 -22.71
C GLY A 153 5.78 -2.24 -24.05
N VAL A 154 4.74 -1.82 -24.76
CA VAL A 154 4.64 -2.02 -26.21
C VAL A 154 4.87 -0.70 -26.92
N PRO A 155 5.35 -0.74 -28.14
CA PRO A 155 5.51 0.47 -28.96
C PRO A 155 4.25 1.30 -29.02
N VAL A 156 4.44 2.61 -29.06
CA VAL A 156 3.33 3.51 -29.00
C VAL A 156 2.93 3.94 -30.40
N ARG A 157 1.88 3.27 -30.91
CA ARG A 157 1.17 3.71 -32.10
C ARG A 157 0.97 5.21 -32.15
N THR A 158 1.19 5.78 -33.34
CA THR A 158 1.16 7.21 -33.54
C THR A 158 -0.20 7.73 -33.98
N TYR A 159 -0.42 9.01 -33.74
CA TYR A 159 -1.77 9.56 -33.93
C TYR A 159 -1.98 9.81 -35.43
N THR A 160 -2.86 9.02 -36.05
CA THR A 160 -3.59 9.50 -37.24
C THR A 160 -3.16 10.93 -37.57
N HIS A 161 -3.70 11.89 -36.83
CA HIS A 161 -3.39 13.30 -37.07
C HIS A 161 -3.00 13.89 -35.73
N GLU A 162 -1.71 14.14 -35.57
CA GLU A 162 -1.18 14.18 -34.22
C GLU A 162 -1.86 15.35 -33.47
N VAL A 163 -1.94 15.24 -32.14
CA VAL A 163 -2.61 16.24 -31.29
C VAL A 163 -1.65 17.21 -30.56
N VAL A 164 -0.35 17.10 -30.81
CA VAL A 164 0.67 17.33 -29.77
C VAL A 164 1.21 18.76 -29.78
N THR A 165 1.30 19.35 -30.97
CA THR A 165 1.95 20.66 -31.16
C THR A 165 2.72 20.56 -32.46
N LEU A 166 3.06 21.72 -33.03
CA LEU A 166 3.94 21.74 -34.19
C LEU A 166 5.40 22.00 -33.82
N TRP A 167 5.64 23.05 -33.06
CA TRP A 167 6.96 23.65 -32.97
C TRP A 167 8.02 22.66 -32.47
N TYR A 168 7.63 21.71 -31.64
CA TYR A 168 8.63 20.86 -31.02
C TYR A 168 8.42 19.42 -31.48
N ARG A 169 7.98 19.28 -32.71
CA ARG A 169 7.62 17.96 -33.21
C ARG A 169 8.70 17.46 -34.14
N ALA A 170 9.04 16.17 -34.00
CA ALA A 170 10.17 15.59 -34.69
C ALA A 170 9.79 15.31 -36.11
N PRO A 171 10.77 15.35 -36.99
CA PRO A 171 10.52 15.13 -38.42
C PRO A 171 9.89 13.76 -38.68
N GLU A 172 10.31 12.75 -37.92
CA GLU A 172 9.83 11.39 -38.15
C GLU A 172 8.31 11.24 -37.88
N ILE A 173 7.78 12.07 -37.02
CA ILE A 173 6.36 12.11 -36.85
C ILE A 173 5.69 12.99 -37.92
N LEU A 174 6.38 14.04 -38.37
CA LEU A 174 5.91 14.90 -39.46
C LEU A 174 5.82 14.17 -40.79
N LEU A 175 6.60 13.09 -40.94
CA LEU A 175 6.48 12.20 -42.11
C LEU A 175 5.73 10.89 -41.79
N GLY A 176 4.98 10.89 -40.70
CA GLY A 176 3.98 9.87 -40.49
C GLY A 176 4.55 8.47 -40.34
N CYS A 177 5.47 8.30 -39.41
CA CYS A 177 5.89 6.95 -39.05
C CYS A 177 4.86 6.30 -38.13
N LYS A 178 5.03 4.99 -37.96
CA LYS A 178 4.03 4.15 -37.34
C LYS A 178 4.09 4.29 -35.81
N TYR A 179 5.23 4.77 -35.29
CA TYR A 179 5.48 4.69 -33.86
C TYR A 179 6.29 5.86 -33.30
N TYR A 180 6.09 6.12 -32.00
CA TYR A 180 6.91 7.07 -31.25
C TYR A 180 8.11 6.33 -30.76
N SER A 181 9.09 7.08 -30.29
CA SER A 181 10.26 6.51 -29.64
C SER A 181 10.66 7.47 -28.57
N THR A 182 11.55 7.05 -27.68
CA THR A 182 12.20 7.97 -26.75
C THR A 182 12.83 9.17 -27.47
N ALA A 183 13.13 9.02 -28.74
CA ALA A 183 13.84 10.06 -29.47
C ALA A 183 13.07 11.34 -29.73
N VAL A 184 11.76 11.26 -29.77
CA VAL A 184 10.95 12.45 -30.03
C VAL A 184 11.03 13.36 -28.81
N ASP A 185 11.14 12.78 -27.62
CA ASP A 185 11.28 13.60 -26.41
C ASP A 185 12.59 14.38 -26.49
N ILE A 186 13.63 13.76 -27.04
CA ILE A 186 14.93 14.39 -27.15
C ILE A 186 14.91 15.52 -28.18
N TRP A 187 14.20 15.30 -29.26
CA TRP A 187 14.14 16.31 -30.29
C TRP A 187 13.49 17.53 -29.69
N SER A 188 12.47 17.30 -28.89
CA SER A 188 11.81 18.42 -28.20
C SER A 188 12.79 19.16 -27.26
N LEU A 189 13.53 18.41 -26.44
CA LEU A 189 14.52 19.04 -25.58
C LEU A 189 15.44 19.90 -26.39
N GLY A 190 15.88 19.36 -27.52
CA GLY A 190 16.84 20.02 -28.38
C GLY A 190 16.32 21.31 -28.96
N CYS A 191 15.00 21.46 -28.98
CA CYS A 191 14.40 22.73 -29.40
C CYS A 191 14.27 23.73 -28.26
N ILE A 192 13.92 23.27 -27.06
CA ILE A 192 13.82 24.14 -25.90
C ILE A 192 15.19 24.72 -25.56
N PHE A 193 16.23 23.89 -25.67
CA PHE A 193 17.61 24.31 -25.46
C PHE A 193 17.89 25.46 -26.41
N ALA A 194 17.65 25.26 -27.71
CA ALA A 194 17.84 26.32 -28.69
C ALA A 194 17.09 27.58 -28.35
N GLU A 195 15.77 27.45 -28.16
CA GLU A 195 14.91 28.56 -27.72
C GLU A 195 15.43 29.37 -26.49
N MET A 196 15.87 28.69 -25.44
CA MET A 196 16.33 29.36 -24.23
C MET A 196 17.53 30.18 -24.62
N VAL A 197 18.34 29.65 -25.53
CA VAL A 197 19.55 30.34 -25.95
C VAL A 197 19.22 31.59 -26.75
N THR A 198 18.36 31.46 -27.75
CA THR A 198 18.35 32.39 -28.86
C THR A 198 17.13 33.27 -28.74
N ARG A 199 16.33 33.02 -27.71
CA ARG A 199 15.23 33.90 -27.36
C ARG A 199 14.07 33.74 -28.30
N ARG A 200 14.25 32.96 -29.37
CA ARG A 200 13.14 32.63 -30.27
C ARG A 200 13.09 31.13 -30.63
N ALA A 201 11.88 30.64 -30.88
CA ALA A 201 11.69 29.23 -31.21
C ALA A 201 12.44 28.80 -32.49
N LEU A 202 13.09 27.63 -32.40
CA LEU A 202 13.99 27.16 -33.45
C LEU A 202 13.21 26.94 -34.71
N PHE A 203 12.09 26.22 -34.65
CA PHE A 203 11.31 25.89 -35.85
C PHE A 203 9.81 26.20 -35.71
N PRO A 204 9.44 27.47 -35.92
CA PRO A 204 8.06 27.92 -35.81
C PRO A 204 7.27 27.71 -37.10
N GLY A 205 6.98 26.43 -37.38
CA GLY A 205 6.07 26.05 -38.45
C GLY A 205 4.67 26.63 -38.32
N ASP A 206 4.05 26.89 -39.46
CA ASP A 206 2.66 27.27 -39.49
C ASP A 206 1.79 26.16 -40.03
N SER A 207 2.34 24.96 -40.16
CA SER A 207 1.58 23.81 -40.60
C SER A 207 2.52 22.64 -40.83
N GLU A 208 2.01 21.42 -40.71
CA GLU A 208 2.87 20.27 -40.80
C GLU A 208 3.94 20.47 -41.86
N ILE A 209 3.57 20.72 -43.10
CA ILE A 209 4.56 20.90 -44.16
C ILE A 209 5.53 22.06 -43.92
N ASP A 210 5.00 23.20 -43.46
CA ASP A 210 5.86 24.36 -43.24
C ASP A 210 6.88 24.03 -42.16
N GLN A 211 6.45 23.25 -41.17
CA GLN A 211 7.29 22.92 -40.03
C GLN A 211 8.42 22.07 -40.55
N LEU A 212 8.11 21.15 -41.46
CA LEU A 212 9.13 20.35 -42.13
C LEU A 212 10.11 21.28 -42.79
N PHE A 213 9.60 22.24 -43.54
CA PHE A 213 10.46 22.93 -44.47
C PHE A 213 11.35 23.88 -43.71
N ARG A 214 10.91 24.25 -42.53
CA ARG A 214 11.68 25.16 -41.70
C ARG A 214 12.80 24.34 -41.10
N ILE A 215 12.44 23.15 -40.66
CA ILE A 215 13.43 22.19 -40.24
C ILE A 215 14.44 22.00 -41.33
N PHE A 216 13.97 21.54 -42.49
CA PHE A 216 14.79 21.26 -43.68
C PHE A 216 15.65 22.46 -44.05
N ARG A 217 15.12 23.67 -43.90
CA ARG A 217 15.84 24.87 -44.33
C ARG A 217 17.04 25.09 -43.44
N THR A 218 16.97 24.62 -42.20
CA THR A 218 18.02 24.89 -41.22
C THR A 218 19.03 23.76 -40.93
N LEU A 219 18.62 22.50 -41.00
CA LEU A 219 19.53 21.38 -40.80
C LEU A 219 19.74 20.60 -42.09
N GLY A 220 19.31 21.20 -43.20
CA GLY A 220 19.39 20.59 -44.50
C GLY A 220 18.30 19.57 -44.77
N THR A 221 18.24 19.05 -46.00
CA THR A 221 17.15 18.17 -46.41
C THR A 221 17.47 16.67 -46.35
N PRO A 222 16.84 15.96 -45.43
CA PRO A 222 17.19 14.55 -45.21
C PRO A 222 17.30 13.80 -46.52
N ASP A 223 18.38 13.07 -46.67
CA ASP A 223 18.49 12.06 -47.71
C ASP A 223 18.67 10.67 -47.08
N GLU A 224 18.98 9.66 -47.91
CA GLU A 224 19.33 8.33 -47.43
C GLU A 224 20.62 8.28 -46.60
N VAL A 225 21.63 9.03 -47.02
CA VAL A 225 22.91 8.94 -46.37
C VAL A 225 22.77 9.26 -44.90
N VAL A 226 22.15 10.40 -44.58
CA VAL A 226 21.96 10.85 -43.18
C VAL A 226 20.90 10.03 -42.38
N TRP A 227 20.00 9.35 -43.09
CA TRP A 227 18.76 8.86 -42.50
C TRP A 227 18.12 7.85 -43.44
N PRO A 228 18.63 6.63 -43.43
CA PRO A 228 18.15 5.62 -44.35
C PRO A 228 16.67 5.30 -44.09
N GLY A 229 15.87 5.31 -45.16
CA GLY A 229 14.44 5.11 -45.00
C GLY A 229 13.58 6.31 -45.30
N VAL A 230 14.03 7.53 -44.98
CA VAL A 230 13.24 8.73 -45.25
C VAL A 230 12.54 8.73 -46.60
N THR A 231 13.28 8.51 -47.68
CA THR A 231 12.68 8.47 -49.01
C THR A 231 11.40 7.63 -49.04
N SER A 232 11.36 6.56 -48.25
CA SER A 232 10.25 5.60 -48.34
C SER A 232 9.27 5.72 -47.17
N MET A 233 9.00 6.93 -46.71
CA MET A 233 8.14 7.11 -45.55
C MET A 233 6.85 7.75 -46.03
N PRO A 234 5.73 7.38 -45.41
CA PRO A 234 4.39 7.70 -45.93
C PRO A 234 4.23 9.12 -46.49
N ASP A 235 4.91 10.11 -45.90
CA ASP A 235 4.61 11.50 -46.21
C ASP A 235 5.75 12.19 -46.91
N TYR A 236 6.85 11.46 -47.11
CA TYR A 236 7.99 11.96 -47.88
C TYR A 236 7.76 11.99 -49.39
N LYS A 237 8.40 12.94 -50.05
CA LYS A 237 8.04 13.32 -51.41
C LYS A 237 9.33 13.52 -52.17
N PRO A 238 9.39 13.02 -53.40
CA PRO A 238 10.50 13.36 -54.31
C PRO A 238 10.56 14.86 -54.59
N SER A 239 9.48 15.59 -54.41
CA SER A 239 9.43 16.96 -54.89
C SER A 239 9.97 17.93 -53.84
N PHE A 240 10.32 17.42 -52.66
CA PHE A 240 10.89 18.25 -51.59
C PHE A 240 12.03 19.13 -52.13
N PRO A 241 12.04 20.44 -51.81
CA PRO A 241 13.21 21.29 -52.07
C PRO A 241 14.51 20.77 -51.46
N LYS A 242 15.64 21.04 -52.10
CA LYS A 242 16.94 20.64 -51.57
C LYS A 242 17.64 21.85 -50.98
N TRP A 243 17.68 21.93 -49.66
CA TRP A 243 18.48 22.95 -49.01
C TRP A 243 19.84 22.44 -48.54
N ALA A 244 20.67 23.35 -48.06
CA ALA A 244 21.97 22.97 -47.49
C ALA A 244 22.02 23.15 -45.97
N ARG A 245 22.55 22.15 -45.27
CA ARG A 245 22.89 22.29 -43.84
C ARG A 245 23.70 23.53 -43.50
N GLN A 246 23.10 24.42 -42.71
CA GLN A 246 23.77 25.58 -42.11
C GLN A 246 24.73 25.18 -41.00
N ASP A 247 25.86 25.87 -40.91
CA ASP A 247 26.62 25.89 -39.65
C ASP A 247 25.63 26.13 -38.50
N PHE A 248 25.81 25.35 -37.44
CA PHE A 248 25.09 25.56 -36.20
C PHE A 248 25.46 26.86 -35.48
N SER A 249 26.72 27.29 -35.61
CA SER A 249 27.15 28.59 -35.07
C SER A 249 26.40 29.71 -35.77
N LYS A 250 25.78 29.39 -36.90
CA LYS A 250 25.01 30.35 -37.69
C LYS A 250 23.63 30.38 -37.07
N VAL A 251 23.25 29.26 -36.46
CA VAL A 251 21.86 29.04 -36.04
C VAL A 251 21.69 29.40 -34.58
N VAL A 252 22.63 28.98 -33.73
CA VAL A 252 22.68 29.39 -32.32
C VAL A 252 24.04 30.04 -31.99
N PRO A 253 24.24 31.24 -32.55
CA PRO A 253 25.47 32.01 -32.31
C PRO A 253 26.04 31.87 -30.88
N PRO A 254 25.31 32.34 -29.86
CA PRO A 254 25.90 32.57 -28.53
C PRO A 254 26.55 31.32 -27.95
N LEU A 255 26.09 30.13 -28.30
CA LEU A 255 26.57 28.93 -27.61
C LEU A 255 28.04 28.70 -27.92
N ASP A 256 28.72 27.98 -27.03
CA ASP A 256 30.11 27.58 -27.25
C ASP A 256 30.20 26.26 -28.03
N GLU A 257 31.41 25.80 -28.34
CA GLU A 257 31.62 24.71 -29.30
C GLU A 257 30.97 23.40 -28.85
N ASP A 258 30.99 23.14 -27.56
CA ASP A 258 30.53 21.84 -27.00
C ASP A 258 29.00 21.76 -26.87
N GLY A 259 28.39 22.90 -26.60
CA GLY A 259 26.95 23.06 -26.67
C GLY A 259 26.41 22.92 -28.07
N ARG A 260 27.03 23.56 -29.06
CA ARG A 260 26.72 23.29 -30.45
C ARG A 260 26.87 21.81 -30.72
N SER A 261 27.91 21.19 -30.19
CA SER A 261 28.15 19.82 -30.54
C SER A 261 26.92 19.07 -30.13
N LEU A 262 26.43 19.33 -28.93
CA LEU A 262 25.44 18.43 -28.29
C LEU A 262 24.07 18.79 -28.87
N LEU A 263 23.82 20.08 -29.02
CA LEU A 263 22.59 20.51 -29.66
C LEU A 263 22.36 19.73 -30.93
N SER A 264 23.44 19.30 -31.57
CA SER A 264 23.33 18.81 -32.93
C SER A 264 23.01 17.35 -32.88
N GLN A 265 23.34 16.71 -31.76
CA GLN A 265 23.09 15.28 -31.64
C GLN A 265 21.65 15.03 -31.20
N MET A 266 21.10 16.01 -30.50
CA MET A 266 19.67 16.03 -30.17
C MET A 266 18.78 16.33 -31.40
N LEU A 267 19.35 16.91 -32.45
CA LEU A 267 18.62 17.25 -33.65
C LEU A 267 18.99 16.37 -34.85
N HIS A 268 19.73 15.31 -34.58
CA HIS A 268 20.09 14.39 -35.64
C HIS A 268 18.75 13.87 -36.21
N TYR A 269 18.70 13.58 -37.51
CA TYR A 269 17.42 13.22 -38.15
C TYR A 269 16.96 11.80 -37.89
N ASP A 270 17.76 10.81 -38.22
CA ASP A 270 17.50 9.42 -37.83
C ASP A 270 17.27 9.21 -36.31
N PRO A 271 16.08 8.80 -35.93
CA PRO A 271 15.81 8.53 -34.54
C PRO A 271 16.83 7.56 -33.95
N ASN A 272 17.20 6.56 -34.75
CA ASN A 272 18.01 5.48 -34.22
C ASN A 272 19.40 6.00 -33.84
N LYS A 273 19.67 7.26 -34.17
CA LYS A 273 21.01 7.76 -34.04
C LYS A 273 20.96 8.99 -33.17
N ARG A 274 19.76 9.47 -32.88
CA ARG A 274 19.64 10.67 -32.08
C ARG A 274 20.09 10.27 -30.68
N ILE A 275 20.73 11.17 -29.97
CA ILE A 275 21.28 10.80 -28.67
C ILE A 275 20.22 10.57 -27.62
N SER A 276 20.44 9.57 -26.78
CA SER A 276 19.56 9.33 -25.63
C SER A 276 19.89 10.23 -24.47
N ALA A 277 18.91 10.47 -23.62
CA ALA A 277 19.09 11.31 -22.45
C ALA A 277 20.26 10.93 -21.52
N LYS A 278 20.35 9.67 -21.15
CA LYS A 278 21.60 9.16 -20.57
C LYS A 278 22.91 9.78 -21.16
N ALA A 279 23.19 9.50 -22.43
CA ALA A 279 24.39 10.07 -23.00
C ALA A 279 24.48 11.58 -22.71
N ALA A 280 23.48 12.30 -23.16
CA ALA A 280 23.53 13.74 -23.02
C ALA A 280 24.18 14.09 -21.67
N LEU A 281 23.79 13.38 -20.62
CA LEU A 281 24.17 13.75 -19.27
C LEU A 281 25.66 13.58 -19.21
N ALA A 282 26.15 12.59 -19.95
CA ALA A 282 27.58 12.29 -20.01
C ALA A 282 28.43 13.25 -20.89
N HIS A 283 27.80 14.29 -21.40
CA HIS A 283 28.43 15.12 -22.40
C HIS A 283 29.32 16.19 -21.78
N PRO A 284 30.47 16.39 -22.40
CA PRO A 284 31.36 17.48 -21.99
C PRO A 284 30.58 18.71 -21.55
N PHE A 285 29.45 19.01 -22.17
CA PHE A 285 28.88 20.36 -22.04
C PHE A 285 28.51 20.61 -20.60
N PHE A 286 28.40 19.52 -19.83
CA PHE A 286 27.86 19.55 -18.48
C PHE A 286 28.94 19.49 -17.37
N GLN A 287 30.19 19.70 -17.74
CA GLN A 287 31.32 19.45 -16.85
C GLN A 287 31.37 20.54 -15.79
N ASP A 288 31.13 21.76 -16.25
CA ASP A 288 31.20 22.93 -15.37
C ASP A 288 29.82 23.37 -14.86
N VAL A 289 28.88 22.43 -14.77
CA VAL A 289 27.51 22.78 -14.42
C VAL A 289 27.40 23.23 -12.96
N THR A 290 26.79 24.38 -12.76
CA THR A 290 26.32 24.79 -11.42
C THR A 290 24.79 24.82 -11.30
N LYS A 291 24.29 25.45 -10.23
CA LYS A 291 22.85 25.60 -9.99
C LYS A 291 22.47 27.06 -9.74
N PRO A 292 22.63 27.89 -10.75
CA PRO A 292 22.30 29.31 -10.57
C PRO A 292 20.83 29.39 -10.27
N VAL A 293 20.40 30.49 -9.65
CA VAL A 293 18.97 30.76 -9.45
C VAL A 293 18.52 31.93 -10.32
N PRO A 294 17.30 31.82 -10.83
CA PRO A 294 16.76 32.77 -11.80
C PRO A 294 16.24 34.04 -11.13
N HIS A 295 16.20 35.12 -11.91
CA HIS A 295 15.51 36.34 -11.50
C HIS A 295 14.06 36.32 -12.01
N LEU A 296 13.13 35.85 -11.19
CA LEU A 296 11.74 35.75 -11.59
C LEU A 296 11.09 37.14 -11.53
N VAL B 3 15.00 3.46 -28.73
CA VAL B 3 16.47 3.17 -28.75
C VAL B 3 16.79 2.04 -27.73
N PRO B 4 17.55 1.02 -28.20
CA PRO B 4 18.36 0.09 -27.36
C PRO B 4 19.39 0.69 -26.37
N ASP B 5 18.96 1.64 -25.53
CA ASP B 5 19.78 2.18 -24.44
C ASP B 5 19.06 1.95 -23.09
N TYR B 6 17.84 1.39 -23.17
CA TYR B 6 16.83 1.64 -22.15
C TYR B 6 16.11 0.34 -21.81
N HIS B 7 16.41 -0.71 -22.57
CA HIS B 7 15.77 -1.99 -22.32
C HIS B 7 16.04 -2.44 -20.90
N GLU B 8 17.00 -3.35 -20.77
CA GLU B 8 17.45 -3.79 -19.47
C GLU B 8 16.70 -3.06 -18.34
N ASP B 9 16.91 -1.74 -18.23
CA ASP B 9 16.27 -0.92 -17.21
C ASP B 9 14.76 -1.09 -17.20
N ILE B 10 14.13 -0.97 -18.38
CA ILE B 10 12.70 -1.28 -18.51
C ILE B 10 12.40 -2.73 -18.11
N HIS B 11 13.13 -3.68 -18.67
CA HIS B 11 12.91 -5.07 -18.32
C HIS B 11 12.99 -5.28 -16.79
N THR B 12 14.13 -4.96 -16.22
CA THR B 12 14.31 -5.02 -14.77
C THR B 12 13.07 -4.45 -14.10
N TYR B 13 12.64 -3.29 -14.59
CA TYR B 13 11.64 -2.51 -13.86
C TYR B 13 10.27 -3.17 -14.07
N LEU B 14 9.99 -3.61 -15.29
CA LEU B 14 8.83 -4.43 -15.55
C LEU B 14 8.86 -5.71 -14.70
N ARG B 15 10.03 -6.30 -14.49
CA ARG B 15 10.14 -7.48 -13.68
C ARG B 15 9.99 -7.17 -12.22
N GLU B 16 10.02 -5.89 -11.88
CA GLU B 16 9.76 -5.46 -10.51
C GLU B 16 8.28 -5.11 -10.32
N MET B 17 7.72 -4.46 -11.32
CA MET B 17 6.41 -3.86 -11.21
C MET B 17 5.42 -5.02 -11.26
N GLU B 18 5.88 -6.11 -11.87
CA GLU B 18 5.01 -7.25 -12.11
C GLU B 18 4.59 -7.97 -10.83
N VAL B 19 5.44 -7.90 -9.81
CA VAL B 19 5.16 -8.54 -8.50
C VAL B 19 4.16 -7.72 -7.65
N LYS B 20 4.22 -6.40 -7.77
CA LYS B 20 3.33 -5.51 -7.03
C LYS B 20 1.92 -5.45 -7.67
N CYS B 21 1.85 -5.70 -8.97
CA CYS B 21 0.55 -5.69 -9.67
C CYS B 21 -0.11 -7.08 -9.73
N LYS B 22 0.22 -7.94 -8.76
CA LYS B 22 -0.10 -9.37 -8.84
C LYS B 22 -1.47 -9.61 -8.20
N PRO B 23 -2.25 -10.47 -8.83
CA PRO B 23 -3.52 -10.88 -8.23
C PRO B 23 -3.30 -11.98 -7.21
N LYS B 24 -4.33 -12.22 -6.39
CA LYS B 24 -4.30 -13.33 -5.46
C LYS B 24 -4.60 -14.65 -6.20
N VAL B 25 -3.84 -15.70 -5.90
CA VAL B 25 -3.79 -16.87 -6.79
C VAL B 25 -4.96 -17.77 -6.55
N GLY B 26 -5.49 -17.68 -5.33
CA GLY B 26 -6.66 -18.42 -4.94
C GLY B 26 -7.74 -17.43 -4.56
N TYR B 27 -8.17 -16.63 -5.53
CA TYR B 27 -9.22 -15.66 -5.31
C TYR B 27 -10.56 -16.16 -5.86
N MET B 28 -10.53 -16.95 -6.92
CA MET B 28 -11.77 -17.37 -7.54
C MET B 28 -12.52 -18.24 -6.55
N LYS B 29 -11.78 -18.81 -5.60
CA LYS B 29 -12.30 -19.78 -4.62
C LYS B 29 -12.79 -19.17 -3.30
N LYS B 30 -12.38 -17.93 -2.99
CA LYS B 30 -12.99 -17.12 -1.92
C LYS B 30 -14.23 -16.40 -2.45
N GLN B 31 -14.45 -16.48 -3.76
CA GLN B 31 -15.59 -15.81 -4.37
C GLN B 31 -16.82 -16.72 -4.31
N PRO B 32 -17.81 -16.27 -3.55
CA PRO B 32 -19.06 -17.03 -3.32
C PRO B 32 -19.81 -17.41 -4.59
N ASP B 33 -20.00 -16.47 -5.52
CA ASP B 33 -20.97 -16.66 -6.58
C ASP B 33 -20.38 -17.01 -7.92
N ILE B 34 -19.14 -16.61 -8.16
CA ILE B 34 -18.59 -16.70 -9.51
C ILE B 34 -17.51 -17.76 -9.44
N THR B 35 -16.98 -18.10 -10.62
CA THR B 35 -16.32 -19.37 -10.89
C THR B 35 -15.34 -19.18 -12.03
N ASN B 36 -14.30 -20.00 -12.07
CA ASN B 36 -13.30 -19.93 -13.13
C ASN B 36 -13.95 -19.95 -14.53
N SER B 37 -15.02 -20.71 -14.68
CA SER B 37 -15.66 -20.84 -15.97
C SER B 37 -16.48 -19.60 -16.35
N MET B 38 -17.09 -18.97 -15.35
CA MET B 38 -17.69 -17.66 -15.55
C MET B 38 -16.60 -16.68 -16.01
N ARG B 39 -15.39 -16.85 -15.46
CA ARG B 39 -14.28 -15.97 -15.74
C ARG B 39 -13.79 -16.21 -17.15
N ALA B 40 -13.88 -17.45 -17.58
CA ALA B 40 -13.48 -17.82 -18.92
C ALA B 40 -14.44 -17.20 -19.94
N ILE B 41 -15.74 -17.35 -19.67
CA ILE B 41 -16.76 -16.82 -20.54
C ILE B 41 -16.50 -15.32 -20.69
N LEU B 42 -16.17 -14.66 -19.59
CA LEU B 42 -16.03 -13.19 -19.58
C LEU B 42 -14.88 -12.67 -20.45
N VAL B 43 -13.73 -13.32 -20.32
CA VAL B 43 -12.49 -12.96 -21.01
C VAL B 43 -12.60 -13.32 -22.46
N ASP B 44 -13.31 -14.39 -22.74
CA ASP B 44 -13.68 -14.69 -24.13
C ASP B 44 -14.51 -13.60 -24.77
N TRP B 45 -15.53 -13.13 -24.06
CA TRP B 45 -16.37 -12.05 -24.54
C TRP B 45 -15.54 -10.78 -24.78
N LEU B 46 -14.56 -10.53 -23.90
CA LEU B 46 -13.73 -9.35 -24.02
C LEU B 46 -12.76 -9.45 -25.16
N VAL B 47 -12.37 -10.67 -25.49
CA VAL B 47 -11.51 -10.94 -26.65
C VAL B 47 -12.29 -10.57 -27.87
N GLU B 48 -13.59 -10.90 -27.87
CA GLU B 48 -14.51 -10.61 -29.00
C GLU B 48 -14.93 -9.15 -29.10
N VAL B 49 -15.16 -8.51 -27.96
CA VAL B 49 -15.40 -7.09 -27.95
C VAL B 49 -14.28 -6.36 -28.66
N GLY B 50 -13.05 -6.85 -28.51
CA GLY B 50 -11.89 -6.18 -29.06
C GLY B 50 -11.74 -6.33 -30.57
N GLU B 51 -12.24 -7.44 -31.11
CA GLU B 51 -12.25 -7.60 -32.56
C GLU B 51 -13.25 -6.64 -33.15
N GLU B 52 -14.43 -6.53 -32.55
CA GLU B 52 -15.47 -5.68 -33.11
C GLU B 52 -15.00 -4.23 -33.22
N TYR B 53 -14.25 -3.78 -32.23
CA TYR B 53 -13.78 -2.40 -32.18
C TYR B 53 -12.29 -2.24 -32.52
N LYS B 54 -11.71 -3.31 -33.09
CA LYS B 54 -10.36 -3.25 -33.61
C LYS B 54 -9.52 -2.57 -32.52
N LEU B 55 -9.69 -3.03 -31.28
CA LEU B 55 -8.74 -2.68 -30.20
C LEU B 55 -7.38 -3.40 -30.30
N GLN B 56 -6.40 -2.82 -29.61
CA GLN B 56 -5.10 -3.42 -29.53
C GLN B 56 -5.11 -4.55 -28.52
N ASN B 57 -4.19 -5.49 -28.70
CA ASN B 57 -4.15 -6.70 -27.88
C ASN B 57 -3.72 -6.37 -26.45
N GLU B 58 -2.92 -5.31 -26.29
CA GLU B 58 -2.47 -4.95 -24.95
C GLU B 58 -3.66 -4.51 -24.14
N THR B 59 -4.68 -3.98 -24.83
CA THR B 59 -5.89 -3.51 -24.17
C THR B 59 -6.62 -4.68 -23.56
N LEU B 60 -6.57 -5.82 -24.24
CA LEU B 60 -7.25 -6.98 -23.71
C LEU B 60 -6.47 -7.56 -22.54
N HIS B 61 -5.15 -7.71 -22.68
CA HIS B 61 -4.30 -8.11 -21.57
C HIS B 61 -4.48 -7.21 -20.37
N LEU B 62 -4.48 -5.90 -20.58
CA LEU B 62 -4.57 -4.95 -19.46
C LEU B 62 -5.89 -5.09 -18.75
N ALA B 63 -6.93 -5.34 -19.54
CA ALA B 63 -8.29 -5.36 -19.04
C ALA B 63 -8.46 -6.57 -18.10
N VAL B 64 -7.92 -7.72 -18.47
CA VAL B 64 -8.03 -8.89 -17.63
C VAL B 64 -7.35 -8.63 -16.29
N ASN B 65 -6.17 -8.01 -16.34
CA ASN B 65 -5.39 -7.71 -15.14
C ASN B 65 -6.27 -6.98 -14.14
N TYR B 66 -7.08 -6.05 -14.63
CA TYR B 66 -7.90 -5.22 -13.76
C TYR B 66 -8.96 -6.06 -13.08
N ILE B 67 -9.59 -6.93 -13.86
CA ILE B 67 -10.63 -7.78 -13.33
C ILE B 67 -10.06 -8.68 -12.24
N ASP B 68 -8.85 -9.17 -12.46
CA ASP B 68 -8.27 -10.12 -11.51
C ASP B 68 -7.83 -9.42 -10.20
N ARG B 69 -7.44 -8.17 -10.33
CA ARG B 69 -6.94 -7.50 -9.18
C ARG B 69 -8.17 -6.95 -8.55
N PHE B 70 -9.26 -6.88 -9.31
CA PHE B 70 -10.49 -6.35 -8.76
C PHE B 70 -11.17 -7.37 -7.91
N LEU B 71 -11.18 -8.61 -8.38
CA LEU B 71 -11.86 -9.67 -7.66
C LEU B 71 -11.05 -10.24 -6.51
N SER B 72 -9.86 -9.69 -6.23
CA SER B 72 -9.00 -10.24 -5.18
C SER B 72 -9.28 -9.51 -3.88
N SER B 73 -10.13 -8.48 -3.97
CA SER B 73 -10.62 -7.78 -2.80
C SER B 73 -12.11 -7.41 -2.84
N MET B 74 -12.77 -7.62 -3.99
CA MET B 74 -14.23 -7.38 -4.10
C MET B 74 -15.02 -8.62 -4.49
N SER B 75 -15.97 -9.03 -3.67
CA SER B 75 -16.84 -10.15 -4.04
C SER B 75 -17.86 -9.56 -4.98
N VAL B 76 -18.21 -10.31 -6.03
CA VAL B 76 -19.11 -9.85 -7.06
C VAL B 76 -20.13 -10.93 -7.29
N LEU B 77 -21.38 -10.52 -7.55
CA LEU B 77 -22.44 -11.43 -8.02
C LEU B 77 -22.38 -11.74 -9.52
N ARG B 78 -22.88 -12.90 -9.93
CA ARG B 78 -22.64 -13.30 -11.31
C ARG B 78 -23.32 -12.34 -12.26
N GLY B 79 -24.19 -11.52 -11.70
CA GLY B 79 -25.01 -10.61 -12.50
C GLY B 79 -24.32 -9.28 -12.66
N LYS B 80 -23.32 -9.00 -11.82
CA LYS B 80 -22.62 -7.75 -11.94
C LYS B 80 -21.20 -7.97 -12.45
N LEU B 81 -20.86 -9.22 -12.77
CA LEU B 81 -19.55 -9.50 -13.37
C LEU B 81 -19.39 -8.78 -14.70
N GLN B 82 -20.42 -8.78 -15.54
CA GLN B 82 -20.22 -8.31 -16.90
C GLN B 82 -20.04 -6.79 -16.83
N LEU B 83 -20.49 -6.24 -15.72
CA LEU B 83 -20.32 -4.82 -15.48
C LEU B 83 -18.86 -4.58 -15.07
N VAL B 84 -18.35 -5.42 -14.16
CA VAL B 84 -16.96 -5.30 -13.71
C VAL B 84 -16.03 -5.47 -14.90
N GLY B 85 -16.41 -6.33 -15.82
CA GLY B 85 -15.64 -6.53 -17.03
C GLY B 85 -15.68 -5.37 -17.98
N THR B 86 -16.84 -4.74 -18.07
CA THR B 86 -17.04 -3.64 -19.01
C THR B 86 -16.25 -2.37 -18.64
N ALA B 87 -16.29 -2.04 -17.35
CA ALA B 87 -15.48 -0.95 -16.81
C ALA B 87 -13.97 -1.24 -16.82
N ALA B 88 -13.56 -2.49 -16.91
CA ALA B 88 -12.16 -2.76 -17.05
C ALA B 88 -11.77 -2.45 -18.45
N MET B 89 -12.57 -2.87 -19.42
CA MET B 89 -12.16 -2.70 -20.80
C MET B 89 -12.21 -1.22 -21.21
N LEU B 90 -13.02 -0.45 -20.48
CA LEU B 90 -13.13 0.99 -20.72
C LEU B 90 -11.95 1.75 -20.11
N LEU B 91 -11.56 1.39 -18.91
CA LEU B 91 -10.34 1.91 -18.34
C LEU B 91 -9.12 1.54 -19.17
N ALA B 92 -9.04 0.27 -19.53
CA ALA B 92 -7.92 -0.21 -20.31
C ALA B 92 -7.90 0.54 -21.60
N SER B 93 -9.08 0.71 -22.15
CA SER B 93 -9.21 1.41 -23.43
C SER B 93 -8.64 2.81 -23.30
N LYS B 94 -9.00 3.47 -22.20
CA LYS B 94 -8.72 4.90 -21.96
C LYS B 94 -7.24 5.10 -21.64
N PHE B 95 -6.60 4.05 -21.16
CA PHE B 95 -5.18 4.10 -20.82
C PHE B 95 -4.32 3.77 -22.05
N GLU B 96 -4.80 2.92 -22.93
CA GLU B 96 -3.91 2.36 -23.93
C GLU B 96 -4.21 2.73 -25.37
N GLU B 97 -5.49 2.94 -25.68
CA GLU B 97 -5.91 3.21 -27.06
C GLU B 97 -5.84 4.68 -27.40
N ILE B 98 -5.47 4.98 -28.64
CA ILE B 98 -5.33 6.36 -29.11
C ILE B 98 -6.61 7.15 -28.97
N TYR B 99 -7.69 6.62 -29.56
CA TYR B 99 -9.06 7.05 -29.25
C TYR B 99 -9.90 5.82 -28.96
N PRO B 100 -10.40 5.72 -27.72
CA PRO B 100 -11.24 4.59 -27.31
C PRO B 100 -12.68 4.69 -27.80
N PRO B 101 -13.37 3.55 -27.75
CA PRO B 101 -14.82 3.53 -27.91
C PRO B 101 -15.49 4.47 -26.91
N GLU B 102 -16.63 5.04 -27.29
CA GLU B 102 -17.53 5.73 -26.36
C GLU B 102 -18.09 4.81 -25.27
N VAL B 103 -18.63 5.42 -24.24
CA VAL B 103 -19.29 4.61 -23.23
C VAL B 103 -20.53 3.95 -23.81
N ALA B 104 -21.16 4.66 -24.73
CA ALA B 104 -22.35 4.16 -25.36
C ALA B 104 -22.02 2.81 -26.01
N GLU B 105 -20.85 2.77 -26.64
CA GLU B 105 -20.39 1.57 -27.33
C GLU B 105 -20.12 0.51 -26.31
N PHE B 106 -19.61 0.91 -25.16
CA PHE B 106 -19.36 -0.06 -24.14
C PHE B 106 -20.63 -0.52 -23.47
N VAL B 107 -21.69 0.28 -23.55
CA VAL B 107 -22.98 -0.12 -23.01
C VAL B 107 -23.70 -0.95 -24.06
N TYR B 108 -23.34 -0.74 -25.33
CA TYR B 108 -23.96 -1.50 -26.43
C TYR B 108 -23.37 -2.90 -26.59
N ILE B 109 -22.07 -3.08 -26.33
CA ILE B 109 -21.45 -4.41 -26.44
C ILE B 109 -22.11 -5.42 -25.49
N THR B 110 -22.95 -4.91 -24.60
CA THR B 110 -23.50 -5.69 -23.49
C THR B 110 -25.05 -5.77 -23.61
N ASP B 111 -25.62 -5.14 -24.63
CA ASP B 111 -27.05 -5.26 -24.96
C ASP B 111 -27.91 -4.57 -23.90
N ASP B 112 -27.76 -3.24 -23.83
CA ASP B 112 -28.49 -2.41 -22.89
C ASP B 112 -28.74 -3.17 -21.60
N THR B 113 -27.67 -3.77 -21.06
CA THR B 113 -27.77 -4.54 -19.84
C THR B 113 -27.56 -3.65 -18.66
N TYR B 114 -26.46 -2.91 -18.69
CA TYR B 114 -26.19 -1.92 -17.67
C TYR B 114 -26.37 -0.53 -18.28
N THR B 115 -26.83 0.43 -17.47
CA THR B 115 -26.99 1.78 -17.96
C THR B 115 -25.62 2.40 -18.10
N LYS B 116 -25.53 3.40 -18.95
CA LYS B 116 -24.28 4.12 -19.14
C LYS B 116 -23.75 4.63 -17.78
N LYS B 117 -24.65 4.99 -16.88
CA LYS B 117 -24.22 5.58 -15.63
C LYS B 117 -23.65 4.51 -14.72
N GLN B 118 -24.10 3.29 -14.91
CA GLN B 118 -23.72 2.27 -13.98
C GLN B 118 -22.33 1.94 -14.35
N VAL B 119 -22.04 2.00 -15.65
CA VAL B 119 -20.74 1.58 -16.20
C VAL B 119 -19.69 2.58 -15.74
N LEU B 120 -20.11 3.84 -15.75
CA LEU B 120 -19.23 4.93 -15.44
C LEU B 120 -18.84 4.99 -13.96
N ARG B 121 -19.80 4.74 -13.09
CA ARG B 121 -19.50 4.79 -11.70
C ARG B 121 -19.15 3.39 -11.19
N MET B 122 -18.98 2.46 -12.11
CA MET B 122 -18.16 1.31 -11.79
C MET B 122 -16.70 1.49 -12.23
N GLU B 123 -16.48 2.35 -13.22
CA GLU B 123 -15.12 2.74 -13.58
C GLU B 123 -14.47 3.42 -12.37
N HIS B 124 -15.23 4.25 -11.67
CA HIS B 124 -14.63 4.98 -10.57
C HIS B 124 -14.29 4.00 -9.47
N LEU B 125 -15.06 2.94 -9.34
CA LEU B 125 -14.85 2.02 -8.24
C LEU B 125 -13.66 1.13 -8.54
N VAL B 126 -13.52 0.75 -9.80
CA VAL B 126 -12.32 0.02 -10.23
C VAL B 126 -11.10 0.86 -9.93
N LEU B 127 -11.11 2.09 -10.41
CA LEU B 127 -10.05 3.03 -10.11
C LEU B 127 -9.70 3.09 -8.62
N LYS B 128 -10.70 3.12 -7.74
CA LYS B 128 -10.49 3.35 -6.33
C LYS B 128 -9.73 2.18 -5.77
N VAL B 129 -10.07 0.99 -6.24
CA VAL B 129 -9.63 -0.25 -5.62
C VAL B 129 -8.23 -0.65 -6.05
N LEU B 130 -7.85 -0.25 -7.27
CA LEU B 130 -6.47 -0.34 -7.72
C LEU B 130 -5.65 0.92 -7.54
N THR B 131 -6.23 1.92 -6.88
CA THR B 131 -5.52 3.16 -6.57
C THR B 131 -4.77 3.67 -7.78
N PHE B 132 -5.49 3.78 -8.89
CA PHE B 132 -5.00 4.33 -10.16
C PHE B 132 -3.68 3.72 -10.59
N ASP B 133 -3.49 2.42 -10.30
CA ASP B 133 -2.34 1.67 -10.78
C ASP B 133 -2.71 0.84 -12.01
N LEU B 134 -2.67 1.45 -13.18
CA LEU B 134 -3.06 0.76 -14.41
C LEU B 134 -1.88 0.38 -15.33
N ALA B 135 -0.68 0.82 -15.00
CA ALA B 135 0.42 0.57 -15.90
C ALA B 135 0.96 -0.79 -15.51
N ALA B 136 0.09 -1.79 -15.56
CA ALA B 136 0.44 -3.14 -15.17
C ALA B 136 1.20 -3.81 -16.27
N PRO B 137 2.23 -4.56 -15.91
CA PRO B 137 2.96 -5.31 -16.94
C PRO B 137 2.17 -6.57 -17.27
N THR B 138 2.22 -6.96 -18.55
CA THR B 138 1.43 -8.08 -19.03
C THR B 138 2.22 -9.02 -19.93
N VAL B 139 1.64 -10.16 -20.30
CA VAL B 139 2.40 -11.12 -21.05
C VAL B 139 2.82 -10.45 -22.33
N ASN B 140 1.94 -9.61 -22.86
CA ASN B 140 2.08 -9.08 -24.22
C ASN B 140 3.25 -8.10 -24.17
N GLN B 141 3.42 -7.49 -23.01
CA GLN B 141 4.50 -6.54 -22.82
C GLN B 141 5.83 -7.28 -22.92
N PHE B 142 5.95 -8.43 -22.27
CA PHE B 142 7.18 -9.20 -22.24
C PHE B 142 7.45 -9.95 -23.54
N LEU B 143 6.41 -10.49 -24.18
CA LEU B 143 6.56 -11.02 -25.53
C LEU B 143 7.23 -10.01 -26.46
N THR B 144 6.74 -8.78 -26.44
CA THR B 144 7.30 -7.75 -27.31
C THR B 144 8.76 -7.50 -26.96
N GLN B 145 9.12 -7.52 -25.69
CA GLN B 145 10.47 -7.16 -25.29
C GLN B 145 11.40 -8.27 -25.74
N TYR B 146 10.96 -9.52 -25.67
CA TYR B 146 11.68 -10.60 -26.34
C TYR B 146 11.81 -10.36 -27.84
N PHE B 147 11.20 -11.21 -28.66
CA PHE B 147 11.04 -10.95 -30.10
C PHE B 147 12.26 -10.29 -30.70
N LEU B 148 12.86 -9.38 -29.95
CA LEU B 148 14.06 -8.71 -30.43
C LEU B 148 15.21 -9.69 -30.56
N HIS B 149 15.19 -10.74 -29.74
CA HIS B 149 16.27 -11.73 -29.69
C HIS B 149 16.08 -12.84 -30.73
N GLN B 150 15.42 -12.52 -31.85
CA GLN B 150 14.92 -13.55 -32.75
C GLN B 150 15.67 -13.61 -34.07
N GLN B 151 16.82 -14.32 -34.06
CA GLN B 151 17.65 -14.61 -35.24
C GLN B 151 17.34 -16.01 -35.76
N PRO B 152 16.88 -16.11 -37.00
CA PRO B 152 16.47 -14.95 -37.81
C PRO B 152 15.06 -14.49 -37.47
N ALA B 153 14.80 -13.19 -37.58
CA ALA B 153 13.43 -12.72 -37.43
C ALA B 153 12.46 -13.63 -38.20
N ASN B 154 11.22 -13.60 -37.75
CA ASN B 154 10.19 -14.46 -38.31
C ASN B 154 8.83 -14.19 -37.63
N CYS B 155 7.80 -13.87 -38.42
CA CYS B 155 6.55 -13.31 -37.90
C CYS B 155 5.48 -14.36 -37.56
N LYS B 156 5.78 -15.62 -37.86
CA LYS B 156 4.94 -16.73 -37.41
C LYS B 156 5.20 -17.06 -35.95
N VAL B 157 6.42 -16.85 -35.46
CA VAL B 157 6.70 -17.12 -34.06
C VAL B 157 5.97 -16.07 -33.25
N GLU B 158 6.14 -14.83 -33.68
CA GLU B 158 5.61 -13.66 -32.99
C GLU B 158 4.12 -13.87 -32.93
N SER B 159 3.49 -14.16 -34.07
CA SER B 159 2.04 -14.29 -34.13
C SER B 159 1.55 -15.45 -33.26
N LEU B 160 2.38 -16.49 -33.18
CA LEU B 160 2.00 -17.67 -32.46
C LEU B 160 2.24 -17.55 -30.97
N ALA B 161 3.32 -16.91 -30.55
CA ALA B 161 3.52 -16.68 -29.12
C ALA B 161 2.42 -15.79 -28.54
N MET B 162 2.03 -14.76 -29.30
CA MET B 162 0.91 -13.90 -28.91
C MET B 162 -0.34 -14.75 -28.75
N PHE B 163 -0.59 -15.59 -29.72
CA PHE B 163 -1.73 -16.46 -29.62
C PHE B 163 -1.75 -17.22 -28.29
N LEU B 164 -0.61 -17.79 -27.91
CA LEU B 164 -0.55 -18.75 -26.84
C LEU B 164 -0.76 -17.99 -25.54
N GLY B 165 -0.30 -16.76 -25.56
CA GLY B 165 -0.32 -15.96 -24.37
C GLY B 165 -1.72 -15.46 -24.13
N GLU B 166 -2.52 -15.20 -25.18
CA GLU B 166 -3.95 -14.88 -24.99
C GLU B 166 -4.75 -16.06 -24.49
N LEU B 167 -4.38 -17.26 -24.93
CA LEU B 167 -5.05 -18.46 -24.44
C LEU B 167 -5.01 -18.49 -22.95
N SER B 168 -3.90 -18.01 -22.39
CA SER B 168 -3.68 -18.12 -20.95
C SER B 168 -4.47 -17.07 -20.19
N LEU B 169 -4.96 -16.06 -20.90
CA LEU B 169 -5.88 -15.12 -20.29
C LEU B 169 -7.22 -15.77 -19.93
N ILE B 170 -7.57 -16.86 -20.60
CA ILE B 170 -8.92 -17.38 -20.55
C ILE B 170 -9.09 -18.18 -19.29
N ASP B 171 -8.06 -18.95 -18.97
CA ASP B 171 -8.13 -19.83 -17.80
C ASP B 171 -7.18 -19.39 -16.68
N ALA B 172 -7.73 -18.95 -15.55
CA ALA B 172 -6.93 -18.70 -14.36
C ALA B 172 -6.53 -19.99 -13.66
N ASP B 173 -7.08 -21.09 -14.14
CA ASP B 173 -7.14 -22.36 -13.41
C ASP B 173 -5.74 -22.75 -12.98
N PRO B 174 -4.85 -22.88 -13.97
CA PRO B 174 -3.40 -22.92 -13.71
C PRO B 174 -2.72 -21.55 -13.74
N TYR B 175 -3.17 -20.63 -14.60
CA TYR B 175 -2.27 -19.63 -15.16
C TYR B 175 -2.03 -18.46 -14.22
N LEU B 176 -2.82 -18.38 -13.17
CA LEU B 176 -2.81 -17.20 -12.33
C LEU B 176 -1.74 -17.33 -11.30
N LYS B 177 -1.06 -18.47 -11.30
CA LYS B 177 0.09 -18.61 -10.46
C LYS B 177 1.38 -18.48 -11.24
N TYR B 178 1.30 -17.94 -12.45
CA TYR B 178 2.51 -17.61 -13.20
C TYR B 178 2.61 -16.11 -13.49
N LEU B 179 3.79 -15.53 -13.31
CA LEU B 179 4.01 -14.14 -13.70
C LEU B 179 4.08 -14.04 -15.20
N PRO B 180 3.67 -12.90 -15.71
CA PRO B 180 3.62 -12.69 -17.16
C PRO B 180 4.98 -12.95 -17.79
N SER B 181 6.05 -12.81 -17.01
CA SER B 181 7.41 -12.88 -17.56
C SER B 181 7.74 -14.31 -17.86
N VAL B 182 7.13 -15.21 -17.11
CA VAL B 182 7.34 -16.64 -17.29
C VAL B 182 6.35 -17.18 -18.33
N ILE B 183 5.08 -16.76 -18.27
CA ILE B 183 4.09 -17.18 -19.23
C ILE B 183 4.58 -16.74 -20.62
N ALA B 184 5.04 -15.50 -20.68
CA ALA B 184 5.53 -14.96 -21.93
C ALA B 184 6.70 -15.83 -22.36
N GLY B 185 7.53 -16.17 -21.38
CA GLY B 185 8.71 -16.97 -21.65
C GLY B 185 8.29 -18.32 -22.20
N ALA B 186 7.38 -18.98 -21.47
CA ALA B 186 6.88 -20.26 -21.92
C ALA B 186 6.19 -20.21 -23.28
N ALA B 187 5.55 -19.07 -23.57
CA ALA B 187 4.83 -18.91 -24.84
C ALA B 187 5.78 -18.63 -25.98
N PHE B 188 6.86 -17.92 -25.71
CA PHE B 188 7.85 -17.62 -26.72
C PHE B 188 8.55 -18.91 -27.13
N HIS B 189 8.77 -19.81 -26.17
CA HIS B 189 9.48 -21.05 -26.45
C HIS B 189 8.61 -22.01 -27.22
N LEU B 190 7.40 -22.22 -26.72
CA LEU B 190 6.47 -23.08 -27.41
C LEU B 190 6.18 -22.58 -28.85
N ALA B 191 5.99 -21.28 -29.04
CA ALA B 191 5.84 -20.72 -30.38
C ALA B 191 7.06 -21.01 -31.25
N LEU B 192 8.24 -20.91 -30.64
CA LEU B 192 9.48 -21.06 -31.40
C LEU B 192 9.78 -22.53 -31.69
N TYR B 193 9.52 -23.37 -30.70
CA TYR B 193 9.62 -24.79 -30.90
C TYR B 193 8.60 -25.38 -31.86
N THR B 194 7.44 -24.77 -31.96
CA THR B 194 6.40 -25.28 -32.83
C THR B 194 6.69 -24.97 -34.28
N VAL B 195 7.29 -23.82 -34.52
CA VAL B 195 7.41 -23.35 -35.89
C VAL B 195 8.74 -23.74 -36.53
N THR B 196 9.83 -23.66 -35.80
CA THR B 196 11.14 -23.90 -36.39
C THR B 196 11.76 -25.12 -35.78
N GLY B 197 11.42 -25.41 -34.54
CA GLY B 197 12.12 -26.44 -33.78
C GLY B 197 13.25 -25.89 -32.91
N GLN B 198 13.49 -24.59 -33.00
CA GLN B 198 14.52 -23.98 -32.17
C GLN B 198 14.11 -23.94 -30.70
N SER B 199 14.99 -23.46 -29.82
CA SER B 199 14.78 -23.51 -28.38
C SER B 199 15.02 -22.15 -27.72
N TRP B 200 14.10 -21.72 -26.87
CA TRP B 200 14.33 -20.61 -25.94
C TRP B 200 15.80 -20.25 -25.74
N PRO B 201 16.23 -19.15 -26.35
CA PRO B 201 17.65 -18.86 -26.59
C PRO B 201 18.45 -18.50 -25.35
N GLU B 202 19.77 -18.47 -25.48
CA GLU B 202 20.66 -18.31 -24.34
C GLU B 202 20.78 -16.82 -24.12
N SER B 203 20.53 -16.05 -25.18
CA SER B 203 20.43 -14.60 -25.03
C SER B 203 19.53 -14.16 -23.86
N LEU B 204 18.32 -14.70 -23.79
CA LEU B 204 17.41 -14.29 -22.75
C LEU B 204 17.33 -15.36 -21.67
N ILE B 205 18.30 -16.26 -21.65
CA ILE B 205 18.50 -17.05 -20.46
C ILE B 205 19.36 -16.25 -19.51
N ARG B 206 20.03 -15.25 -20.05
CA ARG B 206 20.94 -14.44 -19.25
C ARG B 206 20.18 -13.16 -18.81
N LYS B 207 19.36 -12.63 -19.72
CA LYS B 207 18.64 -11.40 -19.47
C LYS B 207 17.62 -11.68 -18.40
N THR B 208 16.92 -12.80 -18.50
CA THR B 208 15.77 -13.01 -17.65
C THR B 208 16.13 -13.87 -16.44
N GLY B 209 17.16 -14.66 -16.62
CA GLY B 209 17.52 -15.60 -15.60
C GLY B 209 16.62 -16.81 -15.72
N TYR B 210 16.09 -17.08 -16.92
CA TYR B 210 15.14 -18.19 -17.05
C TYR B 210 15.76 -19.34 -17.86
N THR B 211 16.25 -20.33 -17.13
CA THR B 211 16.59 -21.60 -17.73
C THR B 211 15.37 -22.24 -18.33
N LEU B 212 15.54 -22.91 -19.46
CA LEU B 212 14.53 -23.81 -19.98
C LEU B 212 13.94 -24.69 -18.89
N GLU B 213 14.81 -25.33 -18.10
CA GLU B 213 14.34 -26.16 -17.01
C GLU B 213 13.40 -25.38 -16.06
N SER B 214 13.70 -24.12 -15.78
CA SER B 214 12.88 -23.37 -14.86
C SER B 214 11.54 -23.03 -15.49
N LEU B 215 11.50 -23.08 -16.82
CA LEU B 215 10.28 -22.75 -17.55
C LEU B 215 9.38 -23.97 -17.54
N LYS B 216 9.95 -25.13 -17.24
CA LYS B 216 9.31 -26.40 -17.58
C LYS B 216 7.83 -26.38 -17.15
N PRO B 217 7.57 -26.16 -15.85
CA PRO B 217 6.24 -26.35 -15.28
C PRO B 217 5.14 -25.62 -16.04
N CYS B 218 5.27 -24.31 -16.19
CA CYS B 218 4.26 -23.54 -16.92
C CYS B 218 4.22 -23.86 -18.43
N LEU B 219 5.38 -24.26 -18.95
CA LEU B 219 5.49 -24.82 -20.29
C LEU B 219 4.63 -26.04 -20.50
N MET B 220 4.69 -27.00 -19.60
CA MET B 220 3.79 -28.13 -19.72
C MET B 220 2.34 -27.70 -19.77
N ASP B 221 1.96 -26.85 -18.81
CA ASP B 221 0.58 -26.40 -18.70
C ASP B 221 0.18 -25.75 -20.01
N LEU B 222 1.06 -24.92 -20.56
CA LEU B 222 0.72 -24.13 -21.73
C LEU B 222 0.81 -24.96 -23.00
N HIS B 223 1.42 -26.13 -22.90
CA HIS B 223 1.35 -27.14 -23.95
C HIS B 223 -0.01 -27.81 -23.99
N GLN B 224 -0.34 -28.51 -22.92
CA GLN B 224 -1.67 -29.10 -22.78
C GLN B 224 -2.72 -28.13 -23.29
N THR B 225 -2.69 -26.90 -22.78
CA THR B 225 -3.67 -25.88 -23.15
C THR B 225 -3.72 -25.69 -24.66
N TYR B 226 -2.54 -25.61 -25.25
CA TYR B 226 -2.40 -25.56 -26.70
C TYR B 226 -3.05 -26.78 -27.35
N LEU B 227 -2.73 -27.95 -26.82
CA LEU B 227 -3.06 -29.19 -27.49
C LEU B 227 -4.57 -29.32 -27.55
N LYS B 228 -5.23 -28.72 -26.57
CA LYS B 228 -6.64 -28.99 -26.30
C LYS B 228 -7.48 -27.82 -26.80
N ALA B 229 -6.83 -26.92 -27.55
CA ALA B 229 -7.37 -25.59 -27.73
C ALA B 229 -8.64 -25.65 -28.56
N PRO B 230 -8.59 -26.49 -29.56
CA PRO B 230 -9.67 -26.56 -30.54
C PRO B 230 -10.96 -27.10 -29.92
N GLN B 231 -10.77 -27.82 -28.82
CA GLN B 231 -11.85 -28.50 -28.12
C GLN B 231 -12.41 -27.59 -27.01
N HIS B 232 -11.77 -26.45 -26.75
CA HIS B 232 -12.08 -25.67 -25.54
C HIS B 232 -13.47 -25.10 -25.64
N ALA B 233 -14.10 -24.91 -24.49
CA ALA B 233 -15.44 -24.29 -24.48
C ALA B 233 -15.52 -22.90 -25.18
N GLN B 234 -14.45 -22.11 -25.01
CA GLN B 234 -14.32 -20.77 -25.59
C GLN B 234 -13.46 -20.81 -26.84
N GLN B 235 -13.77 -19.97 -27.82
CA GLN B 235 -13.15 -20.12 -29.14
C GLN B 235 -12.84 -18.79 -29.76
N SER B 236 -13.22 -17.74 -29.08
CA SER B 236 -13.13 -16.39 -29.65
C SER B 236 -11.69 -16.11 -30.04
N ILE B 237 -10.73 -16.55 -29.21
CA ILE B 237 -9.34 -16.32 -29.51
C ILE B 237 -8.87 -17.10 -30.75
N ARG B 238 -9.29 -18.35 -30.84
CA ARG B 238 -8.87 -19.16 -31.96
C ARG B 238 -9.46 -18.65 -33.29
N GLU B 239 -10.64 -18.04 -33.20
CA GLU B 239 -11.31 -17.56 -34.38
C GLU B 239 -10.71 -16.25 -34.83
N LYS B 240 -10.02 -15.61 -33.91
CA LYS B 240 -9.39 -14.32 -34.18
C LYS B 240 -8.03 -14.60 -34.75
N TYR B 241 -7.39 -15.68 -34.31
CA TYR B 241 -6.03 -15.96 -34.74
C TYR B 241 -6.05 -16.94 -35.92
N LYS B 242 -7.25 -17.18 -36.44
CA LYS B 242 -7.45 -17.76 -37.77
C LYS B 242 -7.16 -16.76 -38.87
N ASN B 243 -7.52 -15.50 -38.64
CA ASN B 243 -7.43 -14.49 -39.68
C ASN B 243 -5.98 -14.26 -40.09
N SER B 244 -5.78 -13.93 -41.36
CA SER B 244 -4.47 -13.97 -42.00
C SER B 244 -3.66 -12.76 -41.58
N LYS B 245 -4.27 -11.92 -40.75
CA LYS B 245 -3.53 -10.88 -40.04
C LYS B 245 -2.41 -11.56 -39.28
N TYR B 246 -2.50 -12.88 -39.15
CA TYR B 246 -1.70 -13.62 -38.18
C TYR B 246 -1.02 -14.82 -38.81
N HIS B 247 -1.15 -14.96 -40.13
CA HIS B 247 -0.55 -16.08 -40.85
C HIS B 247 -1.26 -17.40 -40.53
N GLY B 248 -2.53 -17.31 -40.11
CA GLY B 248 -3.26 -18.41 -39.48
C GLY B 248 -2.43 -19.34 -38.58
N VAL B 249 -1.55 -18.76 -37.76
CA VAL B 249 -0.89 -19.47 -36.68
C VAL B 249 -1.78 -20.54 -36.05
N SER B 250 -3.05 -20.24 -35.79
CA SER B 250 -3.90 -21.15 -35.00
C SER B 250 -4.24 -22.47 -35.72
N LEU B 251 -4.08 -22.50 -37.05
CA LEU B 251 -4.21 -23.72 -37.85
C LEU B 251 -3.04 -24.71 -37.71
N LEU B 252 -1.80 -24.17 -37.61
CA LEU B 252 -0.59 -24.97 -37.36
C LEU B 252 -0.86 -26.10 -36.41
N ASN B 253 -0.13 -27.20 -36.61
CA ASN B 253 -0.37 -28.37 -35.78
C ASN B 253 0.56 -28.47 -34.57
N PRO B 254 -0.04 -28.43 -33.39
CA PRO B 254 0.71 -28.60 -32.15
C PRO B 254 1.62 -29.77 -32.36
N PRO B 255 2.79 -29.72 -31.72
CA PRO B 255 3.62 -30.90 -31.50
C PRO B 255 3.20 -31.70 -30.27
N GLU B 256 2.91 -32.99 -30.44
CA GLU B 256 2.30 -33.78 -29.37
C GLU B 256 3.41 -34.15 -28.42
N THR B 257 4.63 -33.71 -28.74
CA THR B 257 5.68 -33.77 -27.74
C THR B 257 6.57 -32.53 -27.76
N LEU B 258 7.34 -32.40 -26.68
CA LEU B 258 8.02 -31.15 -26.39
C LEU B 258 9.54 -31.30 -26.39
N ASN B 259 10.01 -32.55 -26.38
CA ASN B 259 11.44 -32.86 -26.26
C ASN B 259 12.09 -32.27 -25.02
N LEU B 260 11.58 -32.62 -23.85
CA LEU B 260 12.07 -32.01 -22.64
C LEU B 260 12.80 -33.01 -21.77
N MET C 1 -19.90 6.23 0.08
CA MET C 1 -21.24 5.83 0.65
C MET C 1 -22.42 5.81 -0.35
N GLU C 2 -22.31 6.60 -1.40
CA GLU C 2 -23.23 6.54 -2.55
C GLU C 2 -23.45 5.11 -3.01
N ASN C 3 -22.43 4.27 -2.91
CA ASN C 3 -22.50 2.93 -3.53
C ASN C 3 -23.38 1.98 -2.76
N PHE C 4 -23.59 2.26 -1.47
CA PHE C 4 -24.14 1.28 -0.56
C PHE C 4 -25.58 1.61 -0.21
N GLN C 5 -26.42 0.58 -0.21
CA GLN C 5 -27.88 0.74 -0.18
C GLN C 5 -28.41 0.00 1.04
N LYS C 6 -28.85 0.77 2.04
CA LYS C 6 -28.92 0.19 3.38
C LYS C 6 -30.27 -0.43 3.58
N VAL C 7 -30.29 -1.67 4.06
CA VAL C 7 -31.49 -2.50 4.08
C VAL C 7 -32.18 -2.42 5.44
N GLU C 8 -31.54 -2.92 6.49
CA GLU C 8 -32.15 -2.91 7.81
C GLU C 8 -31.11 -2.79 8.95
N LYS C 9 -31.46 -2.12 10.05
CA LYS C 9 -30.67 -2.16 11.30
C LYS C 9 -30.39 -3.61 11.68
N ILE C 10 -29.21 -3.88 12.22
CA ILE C 10 -28.96 -5.21 12.75
C ILE C 10 -28.27 -5.19 14.08
N GLY C 11 -28.15 -4.01 14.68
CA GLY C 11 -28.01 -3.91 16.13
C GLY C 11 -26.98 -2.85 16.46
N GLU C 12 -26.53 -2.83 17.71
CA GLU C 12 -25.53 -1.87 18.14
C GLU C 12 -24.27 -2.55 18.71
N GLY C 13 -23.09 -1.98 18.41
CA GLY C 13 -21.81 -2.51 18.90
C GLY C 13 -21.33 -1.94 20.25
N THR C 14 -20.12 -1.37 20.28
CA THR C 14 -19.70 -0.58 21.45
C THR C 14 -19.41 0.91 21.10
N TYR C 15 -19.84 1.36 19.91
CA TYR C 15 -20.11 2.79 19.67
C TYR C 15 -21.56 3.06 19.27
N GLY C 16 -21.86 2.79 17.99
CA GLY C 16 -23.08 3.27 17.36
C GLY C 16 -23.87 2.13 16.73
N VAL C 17 -24.51 2.42 15.60
CA VAL C 17 -25.45 1.48 14.97
C VAL C 17 -24.83 0.58 13.89
N VAL C 18 -25.43 -0.57 13.64
CA VAL C 18 -24.94 -1.43 12.57
C VAL C 18 -26.07 -1.88 11.64
N TYR C 19 -25.79 -1.88 10.33
CA TYR C 19 -26.81 -1.98 9.27
C TYR C 19 -26.41 -3.01 8.24
N LYS C 20 -27.35 -3.87 7.85
CA LYS C 20 -27.19 -4.67 6.63
C LYS C 20 -27.37 -3.77 5.43
N ALA C 21 -26.58 -4.02 4.40
CA ALA C 21 -26.57 -3.11 3.29
C ALA C 21 -25.77 -3.73 2.18
N ARG C 22 -26.02 -3.31 0.95
CA ARG C 22 -25.47 -4.04 -0.17
C ARG C 22 -24.92 -3.05 -1.16
N ASN C 23 -23.85 -3.43 -1.86
CA ASN C 23 -23.24 -2.63 -2.91
C ASN C 23 -24.13 -2.61 -4.15
N LYS C 24 -24.57 -1.42 -4.54
CA LYS C 24 -25.44 -1.24 -5.70
C LYS C 24 -24.76 -1.67 -6.99
N LEU C 25 -23.45 -1.80 -6.95
CA LEU C 25 -22.68 -2.11 -8.16
C LEU C 25 -22.15 -3.53 -8.21
N THR C 26 -21.97 -4.16 -7.05
CA THR C 26 -21.47 -5.54 -7.05
C THR C 26 -22.37 -6.53 -6.31
N GLY C 27 -23.36 -6.02 -5.61
CA GLY C 27 -24.30 -6.85 -4.90
C GLY C 27 -23.69 -7.56 -3.69
N GLU C 28 -22.42 -7.25 -3.39
CA GLU C 28 -21.80 -7.72 -2.17
C GLU C 28 -22.63 -7.16 -1.02
N VAL C 29 -23.04 -8.06 -0.13
CA VAL C 29 -23.80 -7.64 1.03
C VAL C 29 -22.84 -7.46 2.17
N VAL C 30 -23.02 -6.37 2.88
CA VAL C 30 -22.06 -5.92 3.87
C VAL C 30 -22.73 -5.45 5.11
N ALA C 31 -21.95 -5.22 6.15
CA ALA C 31 -22.54 -4.68 7.38
C ALA C 31 -21.89 -3.37 7.61
N LEU C 32 -22.64 -2.29 7.48
CA LEU C 32 -22.11 -0.97 7.75
C LEU C 32 -22.23 -0.67 9.22
N LYS C 33 -21.12 -0.37 9.88
CA LYS C 33 -21.19 0.15 11.23
C LYS C 33 -20.89 1.61 11.19
N LYS C 34 -21.87 2.43 11.55
CA LYS C 34 -21.75 3.88 11.49
C LYS C 34 -21.55 4.47 12.90
N ILE C 35 -20.34 4.94 13.18
CA ILE C 35 -20.07 5.81 14.32
C ILE C 35 -20.58 7.19 14.06
N ARG C 36 -21.02 7.86 15.12
CA ARG C 36 -21.29 9.30 15.02
C ARG C 36 -20.19 10.22 15.59
N LEU C 37 -19.81 11.20 14.76
CA LEU C 37 -18.52 11.88 14.85
C LEU C 37 -18.72 13.40 14.88
N ASP C 38 -19.82 13.86 15.48
CA ASP C 38 -20.06 15.31 15.60
C ASP C 38 -18.69 15.95 15.93
N THR C 39 -18.18 16.83 15.04
CA THR C 39 -16.88 17.50 15.28
C THR C 39 -16.96 18.41 16.51
N GLU C 40 -17.85 18.02 17.43
CA GLU C 40 -18.10 18.68 18.72
C GLU C 40 -17.75 17.72 19.90
N THR C 41 -17.59 16.42 19.59
CA THR C 41 -17.34 15.38 20.59
C THR C 41 -15.85 15.32 20.97
N GLU C 42 -15.17 14.25 20.53
CA GLU C 42 -13.90 13.82 21.13
C GLU C 42 -13.04 13.14 20.07
N GLY C 43 -13.40 13.36 18.81
CA GLY C 43 -12.70 12.72 17.73
C GLY C 43 -13.24 11.32 17.42
N VAL C 44 -12.50 10.57 16.62
CA VAL C 44 -12.77 9.15 16.51
C VAL C 44 -12.62 8.53 17.89
N PRO C 45 -13.66 7.89 18.39
CA PRO C 45 -13.58 7.17 19.66
C PRO C 45 -12.48 6.11 19.69
N SER C 46 -11.89 5.83 20.85
CA SER C 46 -10.75 4.89 20.94
C SER C 46 -11.16 3.48 20.59
N THR C 47 -12.39 3.11 20.91
CA THR C 47 -12.94 1.86 20.40
C THR C 47 -12.74 1.74 18.88
N ALA C 48 -13.12 2.75 18.10
CA ALA C 48 -13.02 2.66 16.66
C ALA C 48 -11.59 2.70 16.19
N ILE C 49 -10.79 3.52 16.86
CA ILE C 49 -9.34 3.58 16.60
C ILE C 49 -8.67 2.21 16.72
N ARG C 50 -9.07 1.41 17.70
CA ARG C 50 -8.36 0.16 17.93
C ARG C 50 -8.85 -0.96 17.07
N GLU C 51 -10.07 -0.87 16.56
CA GLU C 51 -10.66 -1.98 15.80
C GLU C 51 -10.17 -1.89 14.40
N ILE C 52 -10.02 -0.69 13.90
CA ILE C 52 -9.70 -0.55 12.51
C ILE C 52 -8.21 -0.86 12.46
N SER C 53 -7.45 -0.46 13.47
CA SER C 53 -5.98 -0.52 13.41
C SER C 53 -5.56 -1.95 13.59
N LEU C 54 -6.18 -2.61 14.54
CA LEU C 54 -5.88 -4.02 14.74
C LEU C 54 -6.48 -4.95 13.66
N LEU C 55 -7.66 -4.61 13.17
CA LEU C 55 -8.48 -5.51 12.40
C LEU C 55 -8.00 -5.49 10.97
N LYS C 56 -7.49 -4.36 10.52
CA LYS C 56 -6.87 -4.34 9.21
C LYS C 56 -5.45 -4.94 9.21
N GLU C 57 -5.13 -5.72 10.24
CA GLU C 57 -3.83 -6.38 10.32
C GLU C 57 -4.01 -7.87 10.56
N LEU C 58 -5.23 -8.25 10.92
CA LEU C 58 -5.61 -9.63 11.01
C LEU C 58 -6.38 -10.03 9.77
N ASN C 59 -5.76 -10.79 8.86
CA ASN C 59 -6.53 -11.47 7.82
C ASN C 59 -6.65 -12.97 8.07
N HIS C 60 -7.82 -13.41 8.50
CA HIS C 60 -8.02 -14.83 8.87
C HIS C 60 -9.45 -15.29 8.65
N PRO C 61 -9.61 -16.52 8.21
CA PRO C 61 -10.94 -17.10 7.93
C PRO C 61 -11.97 -16.92 9.06
N ASN C 62 -11.45 -16.99 10.28
CA ASN C 62 -12.26 -17.01 11.49
C ASN C 62 -12.21 -15.70 12.25
N ILE C 63 -11.89 -14.63 11.52
CA ILE C 63 -12.06 -13.26 12.01
C ILE C 63 -12.71 -12.37 10.94
N VAL C 64 -13.72 -11.60 11.32
CA VAL C 64 -14.46 -10.79 10.36
C VAL C 64 -13.52 -10.03 9.44
N LYS C 65 -13.88 -9.90 8.18
CA LYS C 65 -13.05 -9.21 7.23
C LYS C 65 -13.53 -7.77 7.25
N LEU C 66 -12.61 -6.85 7.57
CA LEU C 66 -12.86 -5.41 7.47
C LEU C 66 -12.62 -4.98 6.04
N LEU C 67 -13.68 -4.57 5.37
CA LEU C 67 -13.63 -4.40 3.92
C LEU C 67 -13.10 -3.01 3.55
N ASP C 68 -13.62 -1.98 4.21
CA ASP C 68 -13.22 -0.60 3.91
C ASP C 68 -13.66 0.34 5.03
N VAL C 69 -12.86 1.37 5.29
CA VAL C 69 -13.28 2.43 6.19
C VAL C 69 -13.52 3.67 5.35
N ILE C 70 -14.62 4.35 5.61
CA ILE C 70 -14.99 5.52 4.84
C ILE C 70 -15.10 6.80 5.71
N HIS C 71 -14.27 7.81 5.42
CA HIS C 71 -14.22 9.07 6.18
C HIS C 71 -15.17 10.11 5.58
N THR C 72 -15.72 10.95 6.44
CA THR C 72 -16.11 12.30 6.03
C THR C 72 -15.62 13.25 7.11
N GLU C 73 -15.75 14.55 6.87
CA GLU C 73 -15.72 15.51 7.97
C GLU C 73 -16.57 15.07 9.19
N ASN C 74 -17.76 14.47 8.93
CA ASN C 74 -18.83 14.38 9.96
C ASN C 74 -19.23 12.95 10.38
N LYS C 75 -18.89 11.96 9.56
CA LYS C 75 -19.27 10.58 9.87
C LYS C 75 -18.12 9.59 9.58
N LEU C 76 -18.15 8.43 10.22
CA LEU C 76 -17.11 7.45 10.03
C LEU C 76 -17.80 6.11 9.82
N TYR C 77 -17.53 5.48 8.68
CA TYR C 77 -18.25 4.28 8.27
C TYR C 77 -17.25 3.12 8.19
N LEU C 78 -17.44 2.13 9.04
CA LEU C 78 -16.66 0.91 8.92
C LEU C 78 -17.48 -0.08 8.11
N VAL C 79 -16.84 -0.76 7.17
CA VAL C 79 -17.57 -1.68 6.28
C VAL C 79 -17.08 -3.10 6.43
N PHE C 80 -17.94 -3.99 6.91
CA PHE C 80 -17.50 -5.35 7.21
C PHE C 80 -18.17 -6.31 6.23
N GLU C 81 -17.62 -7.49 6.10
CA GLU C 81 -18.37 -8.57 5.49
C GLU C 81 -19.64 -8.86 6.29
N PHE C 82 -20.62 -9.49 5.63
CA PHE C 82 -21.92 -9.74 6.26
C PHE C 82 -22.11 -11.24 6.54
N LEU C 83 -22.49 -11.58 7.76
CA LEU C 83 -22.76 -12.97 8.08
C LEU C 83 -24.16 -12.95 8.66
N HIS C 84 -24.83 -14.10 8.59
CA HIS C 84 -26.27 -14.16 8.77
C HIS C 84 -26.76 -13.76 10.16
N GLN C 85 -26.11 -14.27 11.20
CA GLN C 85 -26.41 -13.84 12.57
C GLN C 85 -25.30 -14.15 13.58
N ASP C 86 -25.56 -13.78 14.82
CA ASP C 86 -24.67 -14.02 15.93
C ASP C 86 -25.01 -15.31 16.66
N LEU C 87 -24.11 -15.73 17.56
CA LEU C 87 -24.23 -17.06 18.11
C LEU C 87 -25.42 -17.03 19.02
N LYS C 88 -25.67 -15.87 19.64
CA LYS C 88 -26.57 -15.79 20.79
C LYS C 88 -27.97 -16.12 20.32
N LYS C 89 -28.23 -15.83 19.05
CA LYS C 89 -29.57 -16.02 18.52
C LYS C 89 -29.63 -17.35 17.86
N PHE C 90 -28.57 -17.79 17.23
CA PHE C 90 -28.50 -19.19 16.88
C PHE C 90 -28.69 -20.07 18.09
N MET C 91 -28.40 -19.57 19.29
CA MET C 91 -28.36 -20.40 20.51
C MET C 91 -29.73 -20.45 21.14
N ASP C 92 -30.29 -19.26 21.39
CA ASP C 92 -31.63 -19.15 21.97
C ASP C 92 -32.68 -19.81 21.10
N ALA C 93 -32.47 -19.80 19.79
CA ALA C 93 -33.37 -20.43 18.84
C ALA C 93 -33.06 -21.90 18.73
N SER C 94 -32.01 -22.32 19.42
CA SER C 94 -31.55 -23.69 19.27
C SER C 94 -31.69 -24.43 20.59
N ALA C 95 -32.17 -23.74 21.62
CA ALA C 95 -32.66 -24.39 22.86
C ALA C 95 -33.94 -25.26 22.66
N LEU C 96 -34.23 -26.10 23.65
CA LEU C 96 -35.18 -27.21 23.48
C LEU C 96 -34.69 -28.31 22.53
N THR C 97 -33.76 -27.98 21.63
CA THR C 97 -33.14 -28.95 20.72
C THR C 97 -31.63 -29.17 21.01
N GLY C 98 -31.01 -28.19 21.67
CA GLY C 98 -29.56 -28.11 21.76
C GLY C 98 -28.88 -28.13 20.41
N ILE C 99 -27.73 -27.46 20.36
CA ILE C 99 -26.86 -27.48 19.18
C ILE C 99 -26.15 -28.79 19.05
N PRO C 100 -26.25 -29.39 17.86
CA PRO C 100 -25.64 -30.69 17.59
C PRO C 100 -24.17 -30.65 17.97
N LEU C 101 -23.68 -31.65 18.68
CA LEU C 101 -22.33 -31.60 19.25
C LEU C 101 -21.26 -31.37 18.18
N PRO C 102 -21.41 -32.00 17.01
CA PRO C 102 -20.46 -31.86 15.91
C PRO C 102 -20.37 -30.43 15.41
N LEU C 103 -21.48 -29.69 15.45
CA LEU C 103 -21.46 -28.25 15.21
C LEU C 103 -20.74 -27.49 16.30
N ILE C 104 -20.92 -27.88 17.55
CA ILE C 104 -20.13 -27.33 18.64
C ILE C 104 -18.61 -27.55 18.56
N LYS C 105 -18.21 -28.77 18.27
CA LYS C 105 -16.77 -29.04 18.11
C LYS C 105 -16.15 -28.29 16.95
N SER C 106 -16.94 -27.93 15.94
CA SER C 106 -16.45 -27.13 14.81
C SER C 106 -16.23 -25.70 15.26
N TYR C 107 -17.24 -25.12 15.90
CA TYR C 107 -17.21 -23.74 16.32
C TYR C 107 -16.02 -23.48 17.23
N LEU C 108 -15.84 -24.35 18.21
CA LEU C 108 -14.65 -24.35 19.08
C LEU C 108 -13.32 -24.46 18.32
N PHE C 109 -13.12 -25.50 17.54
CA PHE C 109 -11.99 -25.56 16.60
C PHE C 109 -11.78 -24.26 15.86
N GLN C 110 -12.84 -23.74 15.23
CA GLN C 110 -12.72 -22.56 14.39
C GLN C 110 -12.35 -21.30 15.22
N LEU C 111 -13.04 -21.13 16.34
CA LEU C 111 -12.79 -20.02 17.26
C LEU C 111 -11.43 -20.12 17.90
N LEU C 112 -10.82 -21.29 17.86
CA LEU C 112 -9.52 -21.50 18.50
C LEU C 112 -8.44 -21.15 17.48
N GLN C 113 -8.71 -21.41 16.21
CA GLN C 113 -7.72 -21.09 15.21
C GLN C 113 -7.66 -19.57 15.11
N GLY C 114 -8.79 -18.92 15.28
CA GLY C 114 -8.86 -17.47 15.11
C GLY C 114 -8.20 -16.76 16.25
N LEU C 115 -8.45 -17.22 17.48
CA LEU C 115 -7.77 -16.73 18.67
C LEU C 115 -6.27 -16.96 18.58
N ALA C 116 -5.89 -18.09 18.01
CA ALA C 116 -4.48 -18.46 17.98
C ALA C 116 -3.78 -17.54 17.01
N PHE C 117 -4.51 -17.10 15.99
CA PHE C 117 -3.99 -16.14 15.02
C PHE C 117 -3.85 -14.75 15.64
N CYS C 118 -4.74 -14.38 16.54
CA CYS C 118 -4.70 -13.09 17.18
C CYS C 118 -3.53 -13.05 18.14
N HIS C 119 -3.39 -14.07 18.96
CA HIS C 119 -2.41 -14.03 20.05
C HIS C 119 -0.98 -14.12 19.52
N SER C 120 -0.79 -14.89 18.46
CA SER C 120 0.46 -14.93 17.74
C SER C 120 0.72 -13.63 17.02
N HIS C 121 -0.30 -12.79 16.91
CA HIS C 121 -0.12 -11.48 16.31
C HIS C 121 -0.29 -10.39 17.33
N ARG C 122 0.08 -10.70 18.58
CA ARG C 122 0.13 -9.74 19.70
C ARG C 122 -1.16 -8.96 19.88
N VAL C 123 -2.27 -9.57 19.49
CA VAL C 123 -3.58 -8.97 19.63
C VAL C 123 -4.45 -9.78 20.56
N LEU C 124 -5.34 -9.11 21.26
CA LEU C 124 -5.91 -9.66 22.47
C LEU C 124 -7.29 -9.12 22.51
N HIS C 125 -8.27 -10.03 22.52
CA HIS C 125 -9.67 -9.68 22.28
C HIS C 125 -10.38 -9.06 23.48
N ARG C 126 -10.39 -9.79 24.59
CA ARG C 126 -10.75 -9.25 25.89
C ARG C 126 -12.26 -9.18 26.07
N ASP C 127 -13.01 -9.60 25.06
CA ASP C 127 -14.46 -9.50 25.09
C ASP C 127 -15.12 -10.52 24.22
N LEU C 128 -14.69 -11.78 24.32
CA LEU C 128 -15.39 -12.84 23.63
C LEU C 128 -16.69 -13.18 24.32
N LYS C 129 -17.81 -12.93 23.65
CA LYS C 129 -19.07 -13.47 24.09
C LYS C 129 -19.81 -13.84 22.83
N PRO C 130 -20.88 -14.59 23.01
CA PRO C 130 -21.71 -15.08 21.91
C PRO C 130 -22.30 -14.00 21.00
N GLN C 131 -22.51 -12.82 21.55
CA GLN C 131 -22.95 -11.68 20.74
C GLN C 131 -21.88 -11.17 19.77
N ASN C 132 -20.60 -11.26 20.15
CA ASN C 132 -19.53 -10.86 19.25
C ASN C 132 -19.05 -11.98 18.32
N LEU C 133 -19.66 -13.14 18.47
CA LEU C 133 -19.34 -14.30 17.66
C LEU C 133 -20.37 -14.51 16.53
N LEU C 134 -19.91 -14.62 15.28
CA LEU C 134 -20.81 -14.49 14.14
C LEU C 134 -20.73 -15.71 13.26
N ILE C 135 -21.86 -16.13 12.72
CA ILE C 135 -21.89 -17.35 11.90
C ILE C 135 -22.58 -17.11 10.57
N ASN C 136 -22.18 -17.89 9.56
CA ASN C 136 -22.84 -17.89 8.27
C ASN C 136 -23.57 -19.20 7.97
N THR C 137 -24.13 -19.29 6.77
CA THR C 137 -24.99 -20.44 6.41
C THR C 137 -24.11 -21.61 5.94
N GLU C 138 -22.83 -21.33 5.72
CA GLU C 138 -21.95 -22.28 5.07
C GLU C 138 -21.20 -23.11 6.10
N GLY C 139 -21.50 -22.88 7.37
CA GLY C 139 -20.85 -23.64 8.44
C GLY C 139 -19.67 -22.98 9.13
N ALA C 140 -19.58 -21.66 9.02
CA ALA C 140 -18.36 -20.96 9.40
C ALA C 140 -18.69 -20.10 10.59
N ILE C 141 -17.68 -19.87 11.41
CA ILE C 141 -17.84 -18.92 12.52
C ILE C 141 -16.61 -18.02 12.66
N LYS C 142 -16.81 -16.78 13.07
CA LYS C 142 -15.82 -15.76 12.96
C LYS C 142 -15.87 -14.88 14.18
N LEU C 143 -14.69 -14.54 14.74
CA LEU C 143 -14.57 -13.52 15.80
C LEU C 143 -14.91 -12.13 15.28
N ALA C 144 -15.46 -11.27 16.14
CA ALA C 144 -15.76 -9.91 15.69
C ALA C 144 -15.95 -8.93 16.85
N ASP C 145 -16.10 -7.64 16.55
CA ASP C 145 -16.18 -6.60 17.58
C ASP C 145 -14.89 -6.41 18.39
N PHE C 146 -13.87 -5.89 17.72
CA PHE C 146 -12.54 -5.79 18.32
C PHE C 146 -12.45 -4.40 18.95
N GLY C 147 -13.59 -3.89 19.38
CA GLY C 147 -13.64 -2.56 19.98
C GLY C 147 -12.82 -2.41 21.25
N LEU C 148 -12.78 -3.44 22.09
CA LEU C 148 -11.96 -3.40 23.31
C LEU C 148 -10.71 -4.24 23.16
N ALA C 149 -10.32 -4.53 21.92
CA ALA C 149 -9.11 -5.30 21.67
C ALA C 149 -7.89 -4.43 21.86
N ARG C 150 -6.82 -5.02 22.37
CA ARG C 150 -5.70 -4.24 22.76
C ARG C 150 -4.50 -5.02 22.32
N ALA C 151 -3.58 -4.39 21.62
CA ALA C 151 -2.31 -5.01 21.31
C ALA C 151 -1.51 -5.10 22.60
N PHE C 152 -0.89 -6.24 22.87
CA PHE C 152 -0.15 -6.48 24.07
C PHE C 152 1.35 -6.68 23.88
N GLY C 153 1.92 -6.00 22.90
CA GLY C 153 3.37 -6.05 22.71
C GLY C 153 4.05 -5.54 23.95
N VAL C 154 3.30 -4.80 24.77
CA VAL C 154 3.77 -4.37 26.09
C VAL C 154 2.58 -4.59 26.98
N PRO C 155 2.80 -5.26 28.09
CA PRO C 155 1.71 -5.82 28.90
C PRO C 155 0.52 -4.85 29.03
N VAL C 156 -0.67 -5.37 28.78
CA VAL C 156 -1.87 -4.56 28.89
C VAL C 156 -2.29 -4.45 30.33
N ARG C 157 -2.11 -3.26 30.89
CA ARG C 157 -2.59 -2.94 32.22
C ARG C 157 -4.05 -3.32 32.38
N THR C 158 -4.36 -3.83 33.57
CA THR C 158 -5.74 -4.14 33.94
C THR C 158 -6.61 -2.91 34.07
N TYR C 159 -7.78 -3.00 33.45
CA TYR C 159 -8.67 -1.85 33.32
C TYR C 159 -9.11 -1.39 34.73
N THR C 160 -9.26 -0.08 34.93
CA THR C 160 -10.05 0.41 36.05
C THR C 160 -11.55 0.15 35.77
N HIS C 161 -11.90 -1.12 35.51
CA HIS C 161 -13.28 -1.54 35.24
C HIS C 161 -13.85 -1.07 33.92
N GLU C 162 -15.10 -0.58 34.00
CA GLU C 162 -15.81 -0.28 32.78
C GLU C 162 -16.01 -1.58 31.99
N VAL C 163 -17.28 -1.92 31.72
CA VAL C 163 -17.69 -2.84 30.66
C VAL C 163 -17.11 -4.26 30.81
N VAL C 164 -16.10 -4.59 30.01
CA VAL C 164 -15.58 -5.95 29.94
C VAL C 164 -16.73 -6.96 29.76
N THR C 165 -17.02 -7.80 30.74
CA THR C 165 -18.09 -8.80 30.58
C THR C 165 -18.66 -9.28 31.89
N LEU C 166 -17.86 -10.05 32.62
CA LEU C 166 -18.32 -10.72 33.83
C LEU C 166 -18.73 -12.18 33.61
N TRP C 167 -19.88 -12.39 32.97
CA TRP C 167 -20.36 -13.75 32.63
C TRP C 167 -19.19 -14.54 32.03
N TYR C 168 -18.35 -13.84 31.27
CA TYR C 168 -17.22 -14.52 30.63
C TYR C 168 -15.85 -13.98 31.04
N ARG C 169 -15.74 -13.50 32.27
CA ARG C 169 -14.52 -12.90 32.75
C ARG C 169 -13.66 -13.92 33.43
N ALA C 170 -12.35 -13.80 33.24
CA ALA C 170 -11.40 -14.75 33.82
C ALA C 170 -11.25 -14.50 35.32
N PRO C 171 -10.93 -15.52 36.08
CA PRO C 171 -10.85 -15.43 37.54
C PRO C 171 -9.79 -14.47 38.02
N GLU C 172 -8.63 -14.50 37.36
CA GLU C 172 -7.48 -13.78 37.85
C GLU C 172 -7.79 -12.32 37.75
N ILE C 173 -8.74 -11.98 36.88
CA ILE C 173 -9.16 -10.59 36.71
C ILE C 173 -10.03 -10.15 37.84
N LEU C 174 -10.99 -11.00 38.23
CA LEU C 174 -11.88 -10.69 39.33
C LEU C 174 -11.14 -10.58 40.69
N LEU C 175 -10.03 -11.30 40.84
CA LEU C 175 -9.20 -11.28 42.04
C LEU C 175 -8.27 -10.09 42.09
N GLY C 176 -8.08 -9.41 40.96
CA GLY C 176 -7.58 -8.05 40.95
C GLY C 176 -6.10 -8.01 40.58
N CYS C 177 -5.70 -8.63 39.49
CA CYS C 177 -4.29 -8.59 39.12
C CYS C 177 -4.04 -7.43 38.14
N LYS C 178 -2.80 -7.27 37.72
CA LYS C 178 -2.32 -6.01 37.15
C LYS C 178 -2.45 -6.02 35.63
N TYR C 179 -2.37 -7.21 35.06
CA TYR C 179 -2.23 -7.34 33.63
C TYR C 179 -3.14 -8.40 33.02
N TYR C 180 -3.64 -8.16 31.82
CA TYR C 180 -4.37 -9.22 31.11
C TYR C 180 -3.31 -10.20 30.59
N SER C 181 -3.73 -11.38 30.15
CA SER C 181 -2.91 -12.26 29.34
C SER C 181 -3.79 -12.93 28.28
N THR C 182 -3.21 -13.81 27.47
CA THR C 182 -3.97 -14.42 26.39
C THR C 182 -4.97 -15.36 27.04
N ALA C 183 -4.67 -15.71 28.28
CA ALA C 183 -5.42 -16.77 28.94
C ALA C 183 -6.81 -16.27 29.25
N VAL C 184 -7.02 -14.96 29.19
CA VAL C 184 -8.32 -14.44 29.53
C VAL C 184 -9.27 -14.75 28.39
N ASP C 185 -8.78 -14.69 27.15
CA ASP C 185 -9.58 -15.09 26.00
C ASP C 185 -9.98 -16.57 26.07
N ILE C 186 -9.02 -17.40 26.39
CA ILE C 186 -9.25 -18.83 26.44
C ILE C 186 -10.27 -19.18 27.51
N TRP C 187 -10.33 -18.38 28.58
CA TRP C 187 -11.33 -18.60 29.61
C TRP C 187 -12.76 -18.37 29.10
N SER C 188 -12.93 -17.33 28.32
CA SER C 188 -14.22 -17.07 27.74
C SER C 188 -14.63 -18.17 26.79
N LEU C 189 -13.78 -18.52 25.81
CA LEU C 189 -14.07 -19.63 24.92
C LEU C 189 -14.58 -20.81 25.71
N GLY C 190 -14.01 -21.02 26.89
CA GLY C 190 -14.38 -22.18 27.70
C GLY C 190 -15.80 -22.02 28.18
N CYS C 191 -16.13 -20.83 28.64
CA CYS C 191 -17.48 -20.53 29.08
C CYS C 191 -18.46 -20.71 27.93
N ILE C 192 -18.04 -20.38 26.73
CA ILE C 192 -18.94 -20.35 25.59
C ILE C 192 -19.06 -21.79 25.11
N PHE C 193 -17.94 -22.50 25.13
CA PHE C 193 -17.95 -23.92 24.83
C PHE C 193 -19.00 -24.59 25.67
N ALA C 194 -19.06 -24.22 26.95
CA ALA C 194 -19.95 -24.87 27.90
C ALA C 194 -21.41 -24.38 27.82
N GLU C 195 -21.62 -23.12 27.42
CA GLU C 195 -22.95 -22.63 27.14
C GLU C 195 -23.57 -23.45 26.01
N MET C 196 -22.88 -23.51 24.86
CA MET C 196 -23.42 -24.21 23.71
C MET C 196 -23.87 -25.61 24.16
N VAL C 197 -23.06 -26.19 25.02
CA VAL C 197 -23.24 -27.58 25.33
C VAL C 197 -24.45 -27.77 26.22
N THR C 198 -24.53 -27.01 27.32
CA THR C 198 -25.61 -27.15 28.30
C THR C 198 -26.79 -26.23 27.99
N ARG C 199 -26.62 -25.33 27.04
CA ARG C 199 -27.76 -24.57 26.57
C ARG C 199 -28.09 -23.39 27.49
N ARG C 200 -27.20 -23.10 28.41
CA ARG C 200 -27.39 -21.94 29.28
C ARG C 200 -26.05 -21.53 29.89
N ALA C 201 -25.89 -20.22 30.10
CA ALA C 201 -24.59 -19.67 30.52
C ALA C 201 -24.04 -20.42 31.74
N LEU C 202 -22.72 -20.63 31.78
CA LEU C 202 -22.07 -21.39 32.86
C LEU C 202 -21.95 -20.59 34.19
N PHE C 203 -21.63 -19.31 34.11
CA PHE C 203 -21.43 -18.47 35.31
C PHE C 203 -22.25 -17.16 35.31
N PRO C 204 -23.57 -17.25 35.24
CA PRO C 204 -24.37 -16.04 35.01
C PRO C 204 -24.28 -15.12 36.25
N GLY C 205 -23.26 -14.26 36.29
CA GLY C 205 -22.96 -13.49 37.49
C GLY C 205 -23.54 -12.09 37.38
N ASP C 206 -23.92 -11.52 38.52
CA ASP C 206 -24.63 -10.25 38.54
C ASP C 206 -23.65 -9.16 38.93
N SER C 207 -22.57 -9.56 39.56
CA SER C 207 -21.66 -8.61 40.20
C SER C 207 -20.26 -9.19 40.25
N GLU C 208 -19.28 -8.37 40.61
CA GLU C 208 -17.93 -8.87 40.59
C GLU C 208 -17.80 -10.07 41.52
N ILE C 209 -18.39 -10.00 42.72
CA ILE C 209 -18.23 -11.08 43.70
C ILE C 209 -19.28 -12.18 43.49
N ASP C 210 -20.43 -11.77 42.94
CA ASP C 210 -21.44 -12.72 42.53
C ASP C 210 -20.94 -13.60 41.38
N GLN C 211 -19.96 -13.10 40.61
CA GLN C 211 -19.40 -13.87 39.51
C GLN C 211 -18.40 -14.86 40.04
N LEU C 212 -17.55 -14.39 40.96
CA LEU C 212 -16.61 -15.26 41.61
C LEU C 212 -17.27 -16.44 42.32
N PHE C 213 -18.27 -16.14 43.14
CA PHE C 213 -18.91 -17.19 43.93
C PHE C 213 -19.53 -18.24 43.01
N ARG C 214 -19.76 -17.85 41.75
CA ARG C 214 -20.36 -18.77 40.80
C ARG C 214 -19.32 -19.65 40.16
N ILE C 215 -18.15 -19.08 39.93
CA ILE C 215 -16.99 -19.91 39.57
C ILE C 215 -16.67 -20.83 40.75
N PHE C 216 -16.83 -20.35 41.99
CA PHE C 216 -16.10 -20.94 43.12
C PHE C 216 -16.82 -22.25 43.45
N ARG C 217 -18.13 -22.19 43.22
CA ARG C 217 -19.04 -23.26 43.62
C ARG C 217 -19.28 -24.23 42.47
N THR C 218 -18.60 -24.04 41.36
CA THR C 218 -18.51 -25.06 40.34
C THR C 218 -17.15 -25.72 40.32
N LEU C 219 -16.11 -24.91 40.16
CA LEU C 219 -14.78 -25.45 39.93
C LEU C 219 -14.08 -25.65 41.25
N GLY C 220 -14.75 -25.23 42.31
CA GLY C 220 -14.16 -25.14 43.63
C GLY C 220 -13.38 -23.89 43.95
N THR C 221 -13.42 -23.50 45.22
CA THR C 221 -12.59 -22.43 45.73
C THR C 221 -11.08 -22.65 45.53
N PRO C 222 -10.45 -21.69 44.89
CA PRO C 222 -9.01 -21.76 44.65
C PRO C 222 -8.18 -21.80 45.95
N ASP C 223 -7.08 -22.53 45.88
CA ASP C 223 -6.16 -22.59 47.00
C ASP C 223 -4.71 -22.41 46.51
N GLU C 224 -3.77 -22.31 47.45
CA GLU C 224 -2.36 -22.05 47.12
C GLU C 224 -1.73 -23.16 46.27
N VAL C 225 -2.41 -24.30 46.18
CA VAL C 225 -1.86 -25.49 45.53
C VAL C 225 -2.26 -25.66 44.05
N VAL C 226 -3.55 -25.45 43.75
CA VAL C 226 -4.04 -25.28 42.37
C VAL C 226 -3.40 -24.06 41.72
N TRP C 227 -3.17 -23.01 42.52
CA TRP C 227 -2.93 -21.67 41.99
C TRP C 227 -2.07 -20.84 42.96
N PRO C 228 -0.75 -21.02 42.87
CA PRO C 228 0.18 -20.34 43.75
C PRO C 228 -0.06 -18.84 43.73
N GLY C 229 -0.19 -18.21 44.91
CA GLY C 229 -0.28 -16.77 45.02
C GLY C 229 -1.69 -16.24 45.09
N VAL C 230 -2.66 -17.14 45.08
CA VAL C 230 -3.99 -16.68 44.80
C VAL C 230 -4.50 -15.97 46.05
N THR C 231 -3.96 -16.38 47.19
CA THR C 231 -4.42 -15.80 48.46
C THR C 231 -3.64 -14.52 48.65
N SER C 232 -2.75 -14.22 47.70
CA SER C 232 -1.94 -13.02 47.77
C SER C 232 -2.40 -11.98 46.76
N MET C 233 -3.57 -12.19 46.17
CA MET C 233 -4.21 -11.21 45.30
C MET C 233 -5.17 -10.21 46.00
N PRO C 234 -5.16 -8.96 45.52
CA PRO C 234 -5.80 -7.84 46.19
C PRO C 234 -7.28 -7.99 46.54
N ASP C 235 -7.97 -8.91 45.90
CA ASP C 235 -9.39 -9.00 46.16
C ASP C 235 -9.76 -10.36 46.69
N TYR C 236 -8.72 -11.15 46.96
CA TYR C 236 -8.92 -12.40 47.65
C TYR C 236 -9.45 -12.12 49.05
N LYS C 237 -10.15 -13.08 49.64
CA LYS C 237 -10.58 -12.99 51.02
C LYS C 237 -10.49 -14.35 51.75
N PRO C 238 -9.80 -14.40 52.90
CA PRO C 238 -9.74 -15.64 53.67
C PRO C 238 -11.12 -15.93 54.24
N SER C 239 -12.03 -14.97 54.11
CA SER C 239 -13.42 -15.11 54.57
C SER C 239 -14.27 -16.01 53.64
N PHE C 240 -13.79 -16.16 52.39
CA PHE C 240 -14.58 -16.76 51.31
C PHE C 240 -14.92 -18.14 51.79
N PRO C 241 -15.97 -18.71 51.24
CA PRO C 241 -16.31 -20.12 51.48
C PRO C 241 -15.19 -21.04 51.03
N LYS C 242 -15.13 -22.25 51.60
CA LYS C 242 -14.25 -23.29 51.07
C LYS C 242 -15.09 -24.39 50.46
N TRP C 243 -15.39 -24.23 49.17
CA TRP C 243 -16.09 -25.25 48.40
C TRP C 243 -15.16 -26.22 47.64
N ALA C 244 -15.60 -27.47 47.50
CA ALA C 244 -14.76 -28.51 46.91
C ALA C 244 -15.08 -28.64 45.44
N ARG C 245 -14.05 -28.89 44.65
CA ARG C 245 -14.28 -29.03 43.22
C ARG C 245 -15.21 -30.22 43.06
N GLN C 246 -16.40 -29.94 42.54
CA GLN C 246 -17.32 -31.01 42.18
C GLN C 246 -16.97 -31.72 40.87
N ASP C 247 -17.33 -33.01 40.84
CA ASP C 247 -17.23 -33.84 39.63
C ASP C 247 -17.63 -33.04 38.37
N PHE C 248 -16.67 -32.83 37.47
CA PHE C 248 -16.92 -32.13 36.20
C PHE C 248 -17.85 -32.84 35.20
N SER C 249 -18.09 -34.11 35.42
CA SER C 249 -18.99 -34.89 34.58
C SER C 249 -20.43 -34.53 34.85
N LYS C 250 -20.65 -33.49 35.63
CA LYS C 250 -22.02 -33.13 36.03
C LYS C 250 -22.30 -31.63 35.78
N VAL C 251 -21.23 -30.83 35.70
CA VAL C 251 -21.27 -29.48 35.14
C VAL C 251 -21.77 -29.48 33.70
N VAL C 252 -21.27 -30.39 32.87
CA VAL C 252 -21.57 -30.43 31.42
C VAL C 252 -21.81 -31.86 30.93
N PRO C 253 -22.94 -32.42 31.34
CA PRO C 253 -23.27 -33.84 31.16
C PRO C 253 -23.08 -34.46 29.77
N PRO C 254 -23.65 -33.83 28.75
CA PRO C 254 -23.64 -34.39 27.38
C PRO C 254 -22.27 -34.56 26.71
N LEU C 255 -21.20 -34.06 27.33
CA LEU C 255 -19.91 -33.90 26.66
C LEU C 255 -19.07 -35.09 27.03
N ASP C 256 -18.28 -35.54 26.08
CA ASP C 256 -17.57 -36.79 26.25
C ASP C 256 -16.31 -36.50 27.05
N GLU C 257 -15.63 -37.54 27.49
CA GLU C 257 -14.35 -37.41 28.18
C GLU C 257 -13.35 -36.45 27.49
N ASP C 258 -13.01 -36.71 26.22
CA ASP C 258 -12.16 -35.78 25.48
C ASP C 258 -12.69 -34.34 25.53
N GLY C 259 -13.98 -34.18 25.32
CA GLY C 259 -14.58 -32.86 25.39
C GLY C 259 -14.36 -32.32 26.77
N ARG C 260 -14.56 -33.17 27.78
CA ARG C 260 -14.59 -32.75 29.19
C ARG C 260 -13.16 -32.55 29.70
N SER C 261 -12.19 -33.10 29.01
CA SER C 261 -10.80 -32.87 29.41
C SER C 261 -10.33 -31.52 28.89
N LEU C 262 -10.75 -31.19 27.68
CA LEU C 262 -10.30 -29.95 27.08
C LEU C 262 -10.94 -28.74 27.76
N LEU C 263 -12.24 -28.84 28.07
CA LEU C 263 -12.93 -27.74 28.71
C LEU C 263 -12.37 -27.46 30.10
N SER C 264 -12.05 -28.51 30.83
CA SER C 264 -11.44 -28.34 32.13
C SER C 264 -10.08 -27.61 32.06
N GLN C 265 -9.28 -27.89 31.04
CA GLN C 265 -8.02 -27.18 30.85
C GLN C 265 -8.24 -25.68 30.43
N MET C 266 -9.36 -25.38 29.81
CA MET C 266 -9.62 -23.99 29.50
C MET C 266 -10.13 -23.19 30.70
N LEU C 267 -10.66 -23.85 31.72
CA LEU C 267 -11.25 -23.20 32.90
C LEU C 267 -10.30 -23.37 34.08
N HIS C 268 -9.05 -23.73 33.78
CA HIS C 268 -8.01 -23.80 34.79
C HIS C 268 -7.70 -22.48 35.47
N TYR C 269 -7.63 -22.50 36.81
CA TYR C 269 -7.59 -21.30 37.63
C TYR C 269 -6.36 -20.49 37.33
N ASP C 270 -5.22 -21.15 37.50
CA ASP C 270 -3.93 -20.49 37.25
C ASP C 270 -3.79 -20.17 35.77
N PRO C 271 -3.71 -18.88 35.48
CA PRO C 271 -3.56 -18.39 34.10
C PRO C 271 -2.31 -18.98 33.45
N ASN C 272 -1.32 -19.28 34.29
CA ASN C 272 -0.04 -19.79 33.81
C ASN C 272 -0.16 -21.21 33.30
N LYS C 273 -1.14 -21.93 33.83
CA LYS C 273 -1.34 -23.32 33.42
C LYS C 273 -2.51 -23.48 32.43
N ARG C 274 -3.34 -22.45 32.33
CA ARG C 274 -4.46 -22.48 31.40
C ARG C 274 -3.90 -22.78 30.02
N ILE C 275 -4.54 -23.67 29.29
CA ILE C 275 -4.04 -24.08 28.01
C ILE C 275 -4.06 -22.90 27.09
N SER C 276 -3.15 -22.96 26.12
CA SER C 276 -3.10 -21.94 25.07
C SER C 276 -3.91 -22.39 23.89
N ALA C 277 -4.33 -21.48 23.01
CA ALA C 277 -5.12 -21.85 21.81
C ALA C 277 -4.38 -22.75 20.83
N LYS C 278 -3.11 -22.47 20.64
CA LYS C 278 -2.26 -23.35 19.89
C LYS C 278 -2.47 -24.73 20.45
N ALA C 279 -2.40 -24.84 21.77
CA ALA C 279 -2.25 -26.18 22.34
C ALA C 279 -3.59 -26.88 22.24
N ALA C 280 -4.67 -26.17 22.51
CA ALA C 280 -5.97 -26.81 22.57
C ALA C 280 -6.36 -27.27 21.18
N LEU C 281 -5.90 -26.53 20.17
CA LEU C 281 -6.03 -27.01 18.81
C LEU C 281 -5.47 -28.41 18.68
N ALA C 282 -4.44 -28.75 19.45
CA ALA C 282 -3.78 -30.05 19.29
C ALA C 282 -4.36 -31.08 20.21
N HIS C 283 -5.47 -30.74 20.84
CA HIS C 283 -6.11 -31.65 21.79
C HIS C 283 -6.91 -32.67 21.03
N PRO C 284 -6.98 -33.87 21.56
CA PRO C 284 -7.50 -35.02 20.81
C PRO C 284 -9.01 -34.88 20.60
N PHE C 285 -9.65 -33.91 21.24
CA PHE C 285 -11.08 -33.66 21.07
C PHE C 285 -11.41 -33.27 19.63
N PHE C 286 -10.38 -32.83 18.90
CA PHE C 286 -10.57 -32.25 17.59
C PHE C 286 -10.03 -33.22 16.55
N GLN C 287 -9.71 -34.43 16.99
CA GLN C 287 -9.12 -35.41 16.05
C GLN C 287 -10.13 -35.80 14.94
N ASP C 288 -11.42 -35.63 15.20
CA ASP C 288 -12.46 -36.03 14.24
C ASP C 288 -13.50 -34.92 14.06
N VAL C 289 -13.02 -33.69 13.95
CA VAL C 289 -13.88 -32.58 13.61
C VAL C 289 -14.22 -32.57 12.12
N THR C 290 -15.42 -32.09 11.83
CA THR C 290 -15.92 -31.93 10.47
C THR C 290 -16.63 -30.58 10.30
N LYS C 291 -17.06 -30.27 9.08
CA LYS C 291 -17.63 -28.93 8.84
C LYS C 291 -19.09 -29.13 8.49
N PRO C 292 -19.88 -29.34 9.51
CA PRO C 292 -21.33 -29.40 9.40
C PRO C 292 -21.87 -27.98 9.39
N VAL C 293 -23.17 -27.83 9.14
CA VAL C 293 -23.80 -26.53 8.88
C VAL C 293 -24.88 -26.33 9.90
N PRO C 294 -25.19 -25.10 10.23
CA PRO C 294 -26.31 -24.84 11.15
C PRO C 294 -27.66 -24.94 10.43
N HIS C 295 -28.74 -25.12 11.20
CA HIS C 295 -30.09 -24.71 10.77
C HIS C 295 -30.54 -23.29 11.22
N LEU C 296 -30.62 -22.35 10.28
CA LEU C 296 -30.70 -20.91 10.57
C LEU C 296 -32.15 -20.37 10.78
N VAL D 3 7.24 -18.62 29.37
CA VAL D 3 7.13 -18.46 27.88
C VAL D 3 5.85 -19.13 27.34
N PRO D 4 4.76 -18.39 27.27
CA PRO D 4 3.72 -18.69 26.28
C PRO D 4 4.33 -19.13 24.94
N ASP D 5 3.64 -20.04 24.22
CA ASP D 5 4.20 -20.63 22.99
C ASP D 5 3.88 -19.77 21.76
N TYR D 6 3.53 -18.52 22.03
CA TYR D 6 3.21 -17.55 21.00
C TYR D 6 4.26 -16.42 20.97
N HIS D 7 4.90 -16.15 22.11
CA HIS D 7 5.95 -15.13 22.19
C HIS D 7 6.89 -15.09 20.96
N GLU D 8 7.44 -16.25 20.60
CA GLU D 8 8.34 -16.39 19.46
C GLU D 8 7.75 -15.94 18.11
N ASP D 9 6.55 -16.40 17.81
CA ASP D 9 5.71 -15.81 16.76
C ASP D 9 5.50 -14.28 16.91
N ILE D 10 5.25 -13.81 18.13
CA ILE D 10 5.14 -12.39 18.39
C ILE D 10 6.40 -11.68 17.93
N HIS D 11 7.56 -12.19 18.38
CA HIS D 11 8.82 -11.52 18.12
C HIS D 11 9.17 -11.49 16.64
N THR D 12 8.84 -12.57 15.94
CA THR D 12 8.95 -12.54 14.48
C THR D 12 8.04 -11.49 13.79
N TYR D 13 6.79 -11.39 14.23
CA TYR D 13 5.77 -10.59 13.57
C TYR D 13 6.08 -9.12 13.85
N LEU D 14 6.83 -8.90 14.93
CA LEU D 14 7.26 -7.55 15.30
C LEU D 14 8.51 -7.17 14.52
N ARG D 15 9.30 -8.15 14.12
CA ARG D 15 10.44 -7.86 13.27
C ARG D 15 10.04 -7.62 11.82
N GLU D 16 8.79 -7.97 11.50
CA GLU D 16 8.25 -7.73 10.17
C GLU D 16 7.62 -6.34 10.11
N MET D 17 6.87 -5.98 11.17
CA MET D 17 5.99 -4.83 11.14
C MET D 17 6.87 -3.60 11.22
N GLU D 18 8.14 -3.79 11.55
CA GLU D 18 8.97 -2.67 11.94
C GLU D 18 9.75 -2.21 10.72
N VAL D 19 9.81 -3.09 9.74
CA VAL D 19 10.33 -2.74 8.41
C VAL D 19 9.27 -2.02 7.62
N LYS D 20 8.05 -1.99 8.15
CA LYS D 20 6.94 -1.48 7.38
C LYS D 20 6.58 -0.13 7.94
N CYS D 21 6.79 0.06 9.24
CA CYS D 21 6.53 1.34 9.87
C CYS D 21 7.84 2.11 10.09
N LYS D 22 8.80 1.90 9.20
CA LYS D 22 10.06 2.61 9.29
C LYS D 22 9.92 3.87 8.44
N PRO D 23 10.08 5.02 9.08
CA PRO D 23 10.27 6.31 8.40
C PRO D 23 11.31 6.37 7.30
N LYS D 24 11.18 7.33 6.39
CA LYS D 24 12.23 7.52 5.41
C LYS D 24 13.42 8.18 6.14
N VAL D 25 14.65 7.89 5.72
CA VAL D 25 15.82 8.40 6.45
C VAL D 25 16.02 9.91 6.25
N GLY D 26 15.63 10.41 5.07
CA GLY D 26 16.02 11.74 4.64
C GLY D 26 14.88 12.71 4.80
N TYR D 27 14.04 12.50 5.80
CA TYR D 27 12.71 13.08 5.73
C TYR D 27 12.77 14.48 6.24
N MET D 28 13.68 14.73 7.18
CA MET D 28 13.94 16.09 7.64
C MET D 28 14.79 16.88 6.62
N LYS D 29 15.76 16.20 6.01
CA LYS D 29 16.70 16.86 5.11
C LYS D 29 16.05 17.12 3.74
N LYS D 30 14.91 17.78 3.71
CA LYS D 30 13.97 17.60 2.60
C LYS D 30 12.59 18.10 2.94
N GLN D 31 12.20 18.07 4.21
CA GLN D 31 11.34 19.07 4.79
C GLN D 31 11.94 20.48 4.58
N PRO D 32 11.15 21.38 3.99
CA PRO D 32 11.58 22.77 3.75
C PRO D 32 11.71 23.61 5.03
N ASP D 33 10.79 23.53 5.99
CA ASP D 33 10.70 24.60 6.99
C ASP D 33 10.93 24.13 8.44
N ILE D 34 11.40 22.89 8.60
CA ILE D 34 11.68 22.34 9.92
C ILE D 34 12.96 21.48 9.86
N THR D 35 13.29 20.91 11.00
CA THR D 35 14.67 20.62 11.32
C THR D 35 14.79 19.63 12.48
N ASN D 36 15.87 18.84 12.48
CA ASN D 36 16.13 17.88 13.57
C ASN D 36 16.15 18.59 14.96
N SER D 37 16.66 19.81 14.96
CA SER D 37 16.58 20.58 16.17
C SER D 37 15.14 20.70 16.64
N MET D 38 14.29 21.35 15.85
CA MET D 38 12.88 21.57 16.26
C MET D 38 12.14 20.25 16.52
N ARG D 39 12.56 19.20 15.83
CA ARG D 39 12.13 17.85 16.21
C ARG D 39 12.42 17.51 17.68
N ALA D 40 13.69 17.59 18.08
CA ALA D 40 14.08 17.45 19.47
C ALA D 40 13.21 18.29 20.45
N ILE D 41 13.13 19.60 20.24
CA ILE D 41 12.25 20.41 21.04
C ILE D 41 10.93 19.69 21.23
N LEU D 42 10.36 19.21 20.12
CA LEU D 42 8.95 18.78 20.09
C LEU D 42 8.77 17.53 20.88
N VAL D 43 9.60 16.54 20.55
CA VAL D 43 9.58 15.22 21.16
C VAL D 43 9.82 15.36 22.65
N ASP D 44 10.67 16.33 22.99
CA ASP D 44 11.02 16.61 24.39
C ASP D 44 9.84 17.21 25.13
N TRP D 45 9.12 18.07 24.45
CA TRP D 45 7.89 18.62 25.01
C TRP D 45 6.88 17.52 25.34
N LEU D 46 6.96 16.41 24.58
CA LEU D 46 5.94 15.38 24.62
C LEU D 46 6.25 14.55 25.84
N VAL D 47 7.54 14.47 26.16
CA VAL D 47 7.97 13.82 27.37
C VAL D 47 7.31 14.49 28.56
N GLU D 48 7.31 15.81 28.56
CA GLU D 48 6.70 16.53 29.65
C GLU D 48 5.16 16.41 29.70
N VAL D 49 4.51 16.29 28.52
CA VAL D 49 3.05 16.18 28.48
C VAL D 49 2.71 14.78 28.89
N GLY D 50 3.68 13.88 28.73
CA GLY D 50 3.64 12.57 29.41
C GLY D 50 3.58 12.53 30.94
N GLU D 51 4.48 13.27 31.58
CA GLU D 51 4.54 13.33 33.03
C GLU D 51 3.33 14.10 33.60
N GLU D 52 2.86 15.12 32.89
CA GLU D 52 1.86 16.01 33.49
C GLU D 52 0.45 15.39 33.44
N TYR D 53 0.25 14.51 32.48
CA TYR D 53 -1.01 13.80 32.33
C TYR D 53 -0.80 12.31 32.60
N LYS D 54 0.42 11.95 32.94
CA LYS D 54 0.67 10.64 33.50
C LYS D 54 0.19 9.63 32.49
N LEU D 55 0.87 9.60 31.36
CA LEU D 55 0.69 8.56 30.38
C LEU D 55 1.90 7.59 30.45
N GLN D 56 1.61 6.29 30.43
CA GLN D 56 2.46 5.28 29.78
C GLN D 56 3.54 5.73 28.81
N ASN D 57 4.70 5.09 28.85
CA ASN D 57 5.80 5.44 27.94
C ASN D 57 5.52 4.96 26.51
N GLU D 58 4.96 3.76 26.37
CA GLU D 58 4.49 3.28 25.09
C GLU D 58 3.76 4.40 24.35
N THR D 59 2.80 5.05 24.98
CA THR D 59 2.16 6.20 24.34
C THR D 59 3.18 7.18 23.77
N LEU D 60 4.15 7.56 24.59
CA LEU D 60 5.10 8.59 24.16
C LEU D 60 5.87 8.03 22.97
N HIS D 61 6.47 6.85 23.12
CA HIS D 61 7.24 6.20 22.05
C HIS D 61 6.43 6.16 20.78
N LEU D 62 5.14 5.88 20.91
CA LEU D 62 4.25 5.70 19.76
C LEU D 62 3.96 6.99 19.02
N ALA D 63 3.57 8.00 19.76
CA ALA D 63 3.44 9.32 19.18
C ALA D 63 4.59 9.65 18.26
N VAL D 64 5.79 9.31 18.66
CA VAL D 64 6.94 9.71 17.92
C VAL D 64 6.96 8.96 16.60
N ASN D 65 6.51 7.72 16.60
CA ASN D 65 6.42 6.92 15.39
C ASN D 65 5.44 7.58 14.44
N TYR D 66 4.30 8.03 14.97
CA TYR D 66 3.28 8.68 14.15
C TYR D 66 3.84 9.97 13.53
N ILE D 67 4.40 10.84 14.38
CA ILE D 67 4.98 12.11 13.93
C ILE D 67 6.02 11.89 12.82
N ASP D 68 6.90 10.94 13.02
CA ASP D 68 7.99 10.73 12.11
C ASP D 68 7.45 10.20 10.80
N ARG D 69 6.44 9.33 10.87
CA ARG D 69 5.80 8.81 9.64
C ARG D 69 4.97 9.88 8.90
N PHE D 70 4.21 10.64 9.67
CA PHE D 70 3.52 11.76 9.10
C PHE D 70 4.49 12.68 8.36
N LEU D 71 5.67 12.90 8.93
CA LEU D 71 6.56 13.97 8.46
C LEU D 71 7.36 13.51 7.24
N SER D 72 7.37 12.20 7.02
CA SER D 72 8.10 11.61 5.89
C SER D 72 7.29 11.72 4.63
N SER D 73 6.01 12.08 4.75
CA SER D 73 5.13 12.10 3.59
C SER D 73 4.38 13.43 3.46
N MET D 74 4.36 14.24 4.50
CA MET D 74 3.67 15.52 4.48
C MET D 74 4.61 16.66 4.88
N SER D 75 4.73 17.67 4.03
CA SER D 75 5.61 18.80 4.31
C SER D 75 4.95 19.68 5.33
N VAL D 76 5.55 19.80 6.51
CA VAL D 76 4.93 20.62 7.57
C VAL D 76 5.73 21.89 7.85
N LEU D 77 4.99 22.93 8.19
CA LEU D 77 5.60 24.20 8.54
C LEU D 77 5.79 24.27 10.05
N ARG D 78 6.69 25.14 10.49
CA ARG D 78 7.15 25.13 11.88
C ARG D 78 6.07 25.58 12.85
N GLY D 79 5.21 26.47 12.39
CA GLY D 79 4.07 26.83 13.19
C GLY D 79 2.93 25.80 13.30
N LYS D 80 3.00 24.73 12.52
CA LYS D 80 2.00 23.65 12.66
C LYS D 80 2.64 22.40 13.28
N LEU D 81 3.94 22.46 13.55
CA LEU D 81 4.68 21.28 13.98
C LEU D 81 4.07 20.76 15.29
N GLN D 82 3.76 21.66 16.21
CA GLN D 82 3.28 21.30 17.54
C GLN D 82 1.87 20.74 17.47
N LEU D 83 1.13 21.14 16.45
CA LEU D 83 -0.22 20.61 16.21
C LEU D 83 -0.20 19.19 15.65
N VAL D 84 0.75 18.92 14.76
CA VAL D 84 1.04 17.56 14.33
C VAL D 84 1.44 16.69 15.48
N GLY D 85 2.05 17.27 16.49
CA GLY D 85 2.44 16.53 17.69
C GLY D 85 1.31 16.25 18.67
N THR D 86 0.71 17.30 19.20
CA THR D 86 -0.57 17.18 19.88
C THR D 86 -1.52 16.08 19.34
N ALA D 87 -1.69 16.03 18.04
CA ALA D 87 -2.61 15.05 17.47
C ALA D 87 -2.03 13.67 17.60
N ALA D 88 -0.77 13.50 17.21
CA ALA D 88 -0.04 12.28 17.51
C ALA D 88 -0.16 11.81 18.96
N MET D 89 0.16 12.70 19.92
CA MET D 89 -0.04 12.40 21.35
C MET D 89 -1.47 11.97 21.65
N LEU D 90 -2.44 12.62 21.02
CA LEU D 90 -3.82 12.26 21.26
C LEU D 90 -4.06 10.84 20.75
N LEU D 91 -3.59 10.54 19.54
CA LEU D 91 -4.00 9.29 18.90
C LEU D 91 -3.29 8.23 19.68
N ALA D 92 -2.03 8.50 20.01
CA ALA D 92 -1.23 7.48 20.66
C ALA D 92 -1.85 7.14 22.00
N SER D 93 -2.33 8.15 22.71
CA SER D 93 -3.07 7.90 23.94
C SER D 93 -4.31 7.04 23.68
N LYS D 94 -5.11 7.39 22.68
CA LYS D 94 -6.36 6.68 22.39
C LYS D 94 -6.10 5.20 22.14
N PHE D 95 -4.94 4.88 21.63
CA PHE D 95 -4.62 3.50 21.32
C PHE D 95 -4.16 2.69 22.49
N GLU D 96 -3.34 3.31 23.35
CA GLU D 96 -2.55 2.62 24.36
C GLU D 96 -2.96 2.86 25.83
N GLU D 97 -3.62 3.98 26.12
CA GLU D 97 -4.06 4.26 27.50
C GLU D 97 -5.43 3.67 27.75
N ILE D 98 -5.72 3.38 29.02
CA ILE D 98 -7.05 2.96 29.44
C ILE D 98 -8.04 4.07 29.26
N TYR D 99 -7.65 5.28 29.67
CA TYR D 99 -8.49 6.45 29.43
C TYR D 99 -7.72 7.65 28.94
N PRO D 100 -7.91 7.98 27.66
CA PRO D 100 -7.13 9.04 27.02
C PRO D 100 -7.55 10.35 27.65
N PRO D 101 -6.59 11.22 27.89
CA PRO D 101 -6.85 12.63 28.18
C PRO D 101 -7.82 13.29 27.19
N GLU D 102 -8.87 13.98 27.66
CA GLU D 102 -9.85 14.66 26.78
C GLU D 102 -9.17 15.53 25.72
N VAL D 103 -9.76 15.64 24.53
CA VAL D 103 -9.15 16.43 23.48
C VAL D 103 -8.92 17.84 24.01
N ALA D 104 -9.84 18.31 24.83
CA ALA D 104 -9.73 19.67 25.33
C ALA D 104 -8.41 19.86 26.06
N GLU D 105 -8.05 18.93 26.94
CA GLU D 105 -6.81 19.06 27.71
C GLU D 105 -5.66 19.24 26.75
N PHE D 106 -5.84 18.71 25.55
CA PHE D 106 -4.77 18.68 24.58
C PHE D 106 -4.68 20.05 23.90
N VAL D 107 -5.78 20.79 23.97
CA VAL D 107 -5.82 22.15 23.42
C VAL D 107 -5.05 23.00 24.41
N TYR D 108 -5.29 22.74 25.71
CA TYR D 108 -4.84 23.61 26.79
C TYR D 108 -3.35 23.40 27.02
N ILE D 109 -2.85 22.18 26.83
CA ILE D 109 -1.41 22.00 26.96
C ILE D 109 -0.66 22.93 26.02
N THR D 110 -1.26 23.31 24.91
CA THR D 110 -0.50 24.03 23.91
C THR D 110 -0.55 25.52 24.22
N ASP D 111 -1.41 25.90 25.14
CA ASP D 111 -1.67 27.30 25.41
C ASP D 111 -2.64 27.88 24.37
N ASP D 112 -3.81 27.25 24.24
CA ASP D 112 -4.87 27.71 23.35
C ASP D 112 -4.29 28.19 22.02
N THR D 113 -3.12 27.67 21.65
CA THR D 113 -2.53 27.95 20.33
C THR D 113 -3.46 27.55 19.20
N TYR D 114 -3.92 26.32 19.25
CA TYR D 114 -4.92 25.86 18.33
C TYR D 114 -6.21 25.56 19.07
N THR D 115 -7.25 25.30 18.30
CA THR D 115 -8.58 25.03 18.86
C THR D 115 -8.90 23.55 18.90
N LYS D 116 -10.05 23.23 19.47
CA LYS D 116 -10.54 21.88 19.47
C LYS D 116 -10.64 21.42 18.01
N LYS D 117 -11.10 22.29 17.14
CA LYS D 117 -11.34 21.92 15.75
C LYS D 117 -10.06 21.54 14.98
N GLN D 118 -9.06 22.42 15.05
CA GLN D 118 -7.77 22.10 14.45
C GLN D 118 -7.24 20.74 14.96
N VAL D 119 -7.13 20.56 16.27
CA VAL D 119 -6.70 19.29 16.82
C VAL D 119 -7.50 18.13 16.26
N LEU D 120 -8.82 18.23 16.21
CA LEU D 120 -9.69 17.21 15.64
C LEU D 120 -9.46 16.98 14.15
N ARG D 121 -9.15 18.04 13.44
CA ARG D 121 -9.01 17.88 12.03
C ARG D 121 -7.63 17.38 11.71
N MET D 122 -6.68 17.60 12.61
CA MET D 122 -5.31 17.19 12.35
C MET D 122 -5.17 15.71 12.70
N GLU D 123 -5.77 15.33 13.82
CA GLU D 123 -5.86 13.91 14.18
C GLU D 123 -6.37 13.07 13.03
N HIS D 124 -7.46 13.56 12.45
CA HIS D 124 -8.12 12.84 11.39
C HIS D 124 -7.21 12.79 10.17
N LEU D 125 -6.42 13.82 9.95
CA LEU D 125 -5.58 13.85 8.76
C LEU D 125 -4.42 12.93 8.99
N VAL D 126 -4.06 12.76 10.26
CA VAL D 126 -2.89 11.95 10.61
C VAL D 126 -3.24 10.46 10.46
N LEU D 127 -4.50 10.12 10.71
CA LEU D 127 -5.01 8.79 10.42
C LEU D 127 -4.95 8.53 8.93
N LYS D 128 -5.43 9.46 8.12
CA LYS D 128 -5.54 9.21 6.69
C LYS D 128 -4.15 8.97 6.10
N VAL D 129 -3.17 9.71 6.60
CA VAL D 129 -1.80 9.60 6.10
C VAL D 129 -1.12 8.33 6.61
N LEU D 130 -1.42 7.96 7.84
CA LEU D 130 -0.90 6.74 8.43
C LEU D 130 -1.71 5.50 8.01
N THR D 131 -2.72 5.71 7.15
CA THR D 131 -3.59 4.61 6.70
C THR D 131 -4.13 3.81 7.89
N PHE D 132 -4.46 4.50 8.99
CA PHE D 132 -4.96 3.89 10.20
C PHE D 132 -4.04 2.88 10.82
N ASP D 133 -2.78 2.83 10.38
CA ASP D 133 -1.85 1.79 10.82
C ASP D 133 -1.08 2.21 12.09
N LEU D 134 -1.69 1.95 13.25
CA LEU D 134 -1.31 2.63 14.49
C LEU D 134 -0.48 1.75 15.44
N ALA D 135 -0.65 0.44 15.31
CA ALA D 135 -0.07 -0.51 16.25
C ALA D 135 1.31 -0.87 15.83
N ALA D 136 2.20 0.09 15.99
CA ALA D 136 3.52 -0.04 15.43
C ALA D 136 4.45 -0.62 16.47
N PRO D 137 5.40 -1.43 16.05
CA PRO D 137 6.46 -1.88 16.95
C PRO D 137 7.33 -0.75 17.42
N THR D 138 7.71 -0.78 18.69
CA THR D 138 8.60 0.24 19.26
C THR D 138 9.74 -0.32 20.10
N VAL D 139 10.74 0.51 20.33
CA VAL D 139 11.84 0.11 21.21
C VAL D 139 11.40 -0.41 22.57
N ASN D 140 10.58 0.37 23.29
CA ASN D 140 9.84 -0.11 24.48
C ASN D 140 9.23 -1.51 24.36
N GLN D 141 8.62 -1.81 23.21
CA GLN D 141 8.14 -3.17 22.94
C GLN D 141 9.28 -4.21 22.86
N PHE D 142 10.33 -3.86 22.13
CA PHE D 142 11.40 -4.82 22.01
C PHE D 142 12.16 -5.00 23.30
N LEU D 143 12.45 -3.90 23.99
CA LEU D 143 12.86 -3.96 25.39
C LEU D 143 12.03 -4.94 26.26
N THR D 144 10.80 -4.57 26.55
CA THR D 144 9.91 -5.43 27.30
C THR D 144 10.15 -6.92 26.99
N GLN D 145 10.35 -7.28 25.74
CA GLN D 145 10.54 -8.70 25.40
C GLN D 145 11.87 -9.18 25.91
N TYR D 146 12.95 -8.59 25.38
CA TYR D 146 14.31 -8.86 25.81
C TYR D 146 14.39 -9.11 27.32
N PHE D 147 13.86 -8.18 28.11
CA PHE D 147 14.00 -8.26 29.57
C PHE D 147 13.87 -9.68 30.13
N LEU D 148 13.12 -10.54 29.45
CA LEU D 148 12.86 -11.88 29.97
C LEU D 148 14.14 -12.75 29.90
N HIS D 149 15.23 -12.23 29.37
CA HIS D 149 16.46 -13.00 29.37
C HIS D 149 17.52 -12.38 30.28
N GLN D 150 17.10 -11.52 31.19
CA GLN D 150 17.88 -11.20 32.38
C GLN D 150 17.99 -12.45 33.22
N GLN D 151 19.03 -12.51 34.05
CA GLN D 151 19.17 -13.54 35.08
C GLN D 151 20.30 -13.11 36.03
N PRO D 152 19.88 -12.65 37.21
CA PRO D 152 18.45 -12.43 37.47
C PRO D 152 17.92 -11.18 36.75
N ALA D 153 16.61 -10.94 36.96
CA ALA D 153 15.95 -9.66 36.67
C ALA D 153 16.45 -8.57 37.58
N ASN D 154 16.32 -7.34 37.09
CA ASN D 154 16.99 -6.18 37.68
C ASN D 154 16.27 -4.86 37.41
N CYS D 155 15.74 -4.24 38.46
CA CYS D 155 15.06 -2.95 38.33
C CYS D 155 15.96 -1.85 37.77
N LYS D 156 17.14 -1.71 38.34
CA LYS D 156 18.06 -0.68 37.88
C LYS D 156 18.43 -0.84 36.40
N VAL D 157 18.44 -2.08 35.90
CA VAL D 157 18.79 -2.31 34.51
C VAL D 157 17.60 -2.05 33.58
N GLU D 158 16.51 -2.75 33.82
CA GLU D 158 15.23 -2.44 33.21
C GLU D 158 14.98 -0.94 33.08
N SER D 159 15.24 -0.19 34.14
CA SER D 159 14.98 1.25 34.17
C SER D 159 15.98 1.99 33.33
N LEU D 160 17.23 1.58 33.40
CA LEU D 160 18.28 2.23 32.67
C LEU D 160 18.13 1.97 31.17
N ALA D 161 17.79 0.72 30.83
CA ALA D 161 17.49 0.37 29.44
C ALA D 161 16.37 1.24 28.85
N MET D 162 15.23 1.31 29.53
CA MET D 162 14.18 2.23 29.15
C MET D 162 14.70 3.66 28.96
N PHE D 163 15.68 4.07 29.78
CA PHE D 163 16.18 5.44 29.78
C PHE D 163 16.86 5.78 28.47
N LEU D 164 17.76 4.91 28.04
CA LEU D 164 18.46 5.17 26.80
C LEU D 164 17.48 5.03 25.66
N GLY D 165 16.39 4.33 25.93
CA GLY D 165 15.36 4.13 24.92
C GLY D 165 14.73 5.46 24.58
N GLU D 166 14.32 6.21 25.59
CA GLU D 166 13.71 7.48 25.27
C GLU D 166 14.80 8.47 24.87
N LEU D 167 16.02 8.28 25.33
CA LEU D 167 17.05 9.25 24.96
C LEU D 167 17.15 9.28 23.46
N SER D 168 16.81 8.18 22.82
CA SER D 168 16.98 8.06 21.38
C SER D 168 15.84 8.71 20.63
N LEU D 169 14.66 8.74 21.22
CA LEU D 169 13.50 9.34 20.59
C LEU D 169 13.80 10.77 20.19
N ILE D 170 14.72 11.38 20.91
CA ILE D 170 14.93 12.81 20.78
C ILE D 170 15.70 13.16 19.50
N ASP D 171 16.77 12.42 19.22
CA ASP D 171 17.62 12.75 18.07
C ASP D 171 17.36 11.92 16.83
N ALA D 172 16.94 12.57 15.75
CA ALA D 172 16.56 11.82 14.57
C ALA D 172 17.81 11.49 13.76
N ASP D 173 18.94 12.05 14.19
CA ASP D 173 20.01 12.46 13.28
C ASP D 173 21.09 11.39 13.08
N PRO D 174 21.31 10.57 14.14
CA PRO D 174 21.76 9.17 13.99
C PRO D 174 20.64 8.12 13.90
N TYR D 175 19.51 8.38 14.54
CA TYR D 175 18.71 7.31 15.17
C TYR D 175 17.51 6.81 14.33
N LEU D 176 17.20 7.50 13.25
CA LEU D 176 16.34 6.96 12.23
C LEU D 176 17.16 6.07 11.30
N LYS D 177 18.43 5.89 11.59
CA LYS D 177 19.20 4.89 10.85
C LYS D 177 18.89 3.47 11.33
N TYR D 178 18.38 3.34 12.54
CA TYR D 178 18.33 2.05 13.22
C TYR D 178 16.91 1.58 13.53
N LEU D 179 16.57 0.34 13.15
CA LEU D 179 15.24 -0.19 13.46
C LEU D 179 15.12 -0.28 14.99
N PRO D 180 13.94 -0.10 15.57
CA PRO D 180 13.80 -0.15 17.04
C PRO D 180 14.49 -1.40 17.65
N SER D 181 14.43 -2.55 16.95
CA SER D 181 14.80 -3.81 17.59
C SER D 181 16.30 -3.68 17.98
N VAL D 182 16.97 -2.72 17.32
CA VAL D 182 18.42 -2.74 17.24
C VAL D 182 18.85 -1.70 18.24
N ILE D 183 18.12 -0.61 18.24
CA ILE D 183 18.22 0.29 19.36
C ILE D 183 17.87 -0.34 20.69
N ALA D 184 16.86 -1.19 20.69
CA ALA D 184 16.42 -1.81 21.93
C ALA D 184 17.53 -2.68 22.50
N GLY D 185 18.21 -3.43 21.63
CA GLY D 185 19.28 -4.30 22.11
C GLY D 185 20.46 -3.48 22.58
N ALA D 186 21.01 -2.73 21.65
CA ALA D 186 21.95 -1.71 22.02
C ALA D 186 21.63 -1.15 23.42
N ALA D 187 20.38 -0.78 23.67
CA ALA D 187 20.10 -0.09 24.92
C ALA D 187 20.23 -1.13 25.98
N PHE D 188 19.70 -2.30 25.69
CA PHE D 188 19.62 -3.30 26.70
C PHE D 188 21.05 -3.67 27.10
N HIS D 189 21.91 -3.84 26.12
CA HIS D 189 23.29 -4.26 26.39
C HIS D 189 24.05 -3.29 27.26
N LEU D 190 23.68 -2.02 27.14
CA LEU D 190 24.48 -0.95 27.65
C LEU D 190 24.09 -0.72 29.05
N ALA D 191 22.89 -1.16 29.41
CA ALA D 191 22.47 -1.01 30.80
C ALA D 191 23.06 -2.17 31.57
N LEU D 192 22.93 -3.36 30.97
CA LEU D 192 23.50 -4.58 31.49
C LEU D 192 24.96 -4.39 31.88
N TYR D 193 25.81 -3.98 30.93
CA TYR D 193 27.18 -3.60 31.22
C TYR D 193 27.33 -2.65 32.41
N THR D 194 26.55 -1.58 32.42
CA THR D 194 26.84 -0.47 33.29
C THR D 194 26.47 -0.78 34.73
N VAL D 195 25.57 -1.74 34.88
CA VAL D 195 24.92 -2.02 36.16
C VAL D 195 25.22 -3.39 36.78
N THR D 196 26.07 -4.18 36.11
CA THR D 196 26.44 -5.50 36.62
C THR D 196 27.67 -6.04 35.89
N GLY D 197 27.82 -5.66 34.63
CA GLY D 197 28.96 -6.06 33.84
C GLY D 197 28.62 -7.23 32.96
N GLN D 198 27.35 -7.65 32.98
CA GLN D 198 26.86 -8.61 31.96
C GLN D 198 26.80 -8.03 30.50
N SER D 199 26.68 -8.93 29.53
CA SER D 199 26.62 -8.55 28.13
C SER D 199 25.39 -9.15 27.44
N TRP D 200 24.94 -8.47 26.40
CA TRP D 200 24.09 -9.08 25.39
C TRP D 200 24.13 -10.61 25.49
N PRO D 201 23.04 -11.17 25.99
CA PRO D 201 22.99 -12.56 26.41
C PRO D 201 22.90 -13.50 25.20
N GLU D 202 23.52 -14.67 25.36
CA GLU D 202 23.61 -15.64 24.28
C GLU D 202 22.23 -16.12 23.85
N SER D 203 21.31 -16.30 24.80
CA SER D 203 19.92 -16.55 24.43
C SER D 203 19.39 -15.57 23.38
N LEU D 204 19.77 -14.31 23.50
CA LEU D 204 19.13 -13.27 22.70
C LEU D 204 19.83 -13.18 21.36
N ILE D 205 21.14 -13.43 21.37
CA ILE D 205 21.92 -13.61 20.14
C ILE D 205 21.27 -14.61 19.19
N ARG D 206 20.85 -15.76 19.73
CA ARG D 206 19.91 -16.70 19.11
C ARG D 206 18.61 -16.03 18.59
N LYS D 207 17.70 -15.70 19.51
CA LYS D 207 16.33 -15.32 19.19
C LYS D 207 16.29 -14.26 18.10
N THR D 208 17.19 -13.27 18.22
CA THR D 208 17.17 -12.11 17.35
C THR D 208 18.15 -12.23 16.19
N GLY D 209 19.28 -12.86 16.43
CA GLY D 209 20.30 -13.02 15.40
C GLY D 209 21.23 -11.82 15.28
N TYR D 210 21.28 -11.02 16.36
CA TYR D 210 22.17 -9.86 16.46
C TYR D 210 23.31 -10.13 17.44
N THR D 211 24.53 -10.27 16.92
CA THR D 211 25.75 -10.34 17.71
C THR D 211 26.07 -8.98 18.31
N LEU D 212 26.90 -8.96 19.36
CA LEU D 212 27.42 -7.71 19.92
C LEU D 212 28.16 -6.98 18.83
N GLU D 213 28.53 -7.77 17.84
CA GLU D 213 29.22 -7.22 16.67
C GLU D 213 28.25 -6.43 15.78
N SER D 214 27.13 -7.04 15.43
CA SER D 214 26.17 -6.37 14.54
C SER D 214 25.56 -5.16 15.23
N LEU D 215 25.68 -5.11 16.55
CA LEU D 215 25.13 -4.01 17.36
C LEU D 215 26.02 -2.73 17.50
N LYS D 216 27.31 -2.82 17.15
CA LYS D 216 28.33 -1.94 17.70
C LYS D 216 28.17 -0.48 17.25
N PRO D 217 27.82 -0.25 15.99
CA PRO D 217 27.47 1.09 15.48
C PRO D 217 26.37 1.79 16.27
N CYS D 218 25.22 1.15 16.41
CA CYS D 218 24.17 1.68 17.29
C CYS D 218 24.63 1.88 18.74
N LEU D 219 25.52 1.01 19.21
CA LEU D 219 26.07 1.16 20.54
C LEU D 219 27.08 2.31 20.64
N MET D 220 27.98 2.41 19.66
CA MET D 220 28.77 3.62 19.51
C MET D 220 27.89 4.87 19.73
N ASP D 221 26.77 4.96 18.98
CA ASP D 221 26.00 6.21 18.86
C ASP D 221 25.31 6.52 20.17
N LEU D 222 25.01 5.45 20.89
CA LEU D 222 24.12 5.51 22.03
C LEU D 222 24.93 5.73 23.32
N HIS D 223 26.21 5.31 23.29
CA HIS D 223 27.15 5.57 24.38
C HIS D 223 27.41 7.07 24.48
N GLN D 224 27.80 7.63 23.34
CA GLN D 224 27.81 9.06 23.12
C GLN D 224 26.62 9.66 23.85
N THR D 225 25.42 9.35 23.40
CA THR D 225 24.23 10.08 23.83
C THR D 225 24.18 10.06 25.36
N TYR D 226 24.49 8.91 25.93
CA TYR D 226 24.39 8.69 27.37
C TYR D 226 25.40 9.55 28.09
N LEU D 227 26.65 9.49 27.60
CA LEU D 227 27.69 10.44 28.01
C LEU D 227 27.09 11.87 28.14
N LYS D 228 26.38 12.32 27.11
CA LYS D 228 26.25 13.75 26.87
C LYS D 228 24.87 14.21 27.36
N ALA D 229 24.16 13.31 28.00
CA ALA D 229 22.79 13.62 28.41
C ALA D 229 22.79 14.93 29.14
N PRO D 230 23.60 15.08 30.20
CA PRO D 230 23.41 16.25 31.10
C PRO D 230 23.98 17.50 30.44
N GLN D 231 24.65 17.26 29.31
CA GLN D 231 24.99 18.33 28.38
C GLN D 231 23.83 18.74 27.46
N HIS D 232 23.20 17.74 26.83
CA HIS D 232 22.25 17.98 25.73
C HIS D 232 21.26 19.11 26.03
N ALA D 233 20.80 19.76 24.94
CA ALA D 233 20.02 21.00 25.05
C ALA D 233 18.57 20.73 25.50
N GLN D 234 18.21 19.45 25.51
CA GLN D 234 16.87 19.00 25.87
C GLN D 234 16.95 18.11 27.10
N GLN D 235 16.27 18.52 28.16
CA GLN D 235 16.45 17.90 29.48
C GLN D 235 15.25 17.05 29.91
N SER D 236 14.06 17.35 29.38
CA SER D 236 12.80 16.88 29.98
C SER D 236 12.93 15.45 30.51
N ILE D 237 13.82 14.71 29.82
CA ILE D 237 13.86 13.28 29.97
C ILE D 237 14.63 12.92 31.24
N ARG D 238 15.91 13.27 31.27
CA ARG D 238 16.71 13.08 32.49
C ARG D 238 15.87 13.50 33.69
N GLU D 239 15.30 14.70 33.64
CA GLU D 239 14.47 15.11 34.74
C GLU D 239 13.64 13.93 35.21
N LYS D 240 12.67 13.49 34.42
CA LYS D 240 11.58 12.68 34.98
C LYS D 240 12.12 11.31 35.41
N TYR D 241 13.33 11.00 34.93
CA TYR D 241 13.96 9.72 35.21
C TYR D 241 14.81 9.74 36.48
N LYS D 242 14.50 10.69 37.38
CA LYS D 242 15.18 10.79 38.68
C LYS D 242 14.18 10.54 39.82
N ASN D 243 12.89 10.60 39.52
CA ASN D 243 11.84 10.03 40.38
C ASN D 243 12.23 8.66 40.97
N SER D 244 11.76 8.39 42.18
CA SER D 244 11.86 7.06 42.76
C SER D 244 11.34 5.98 41.80
N LYS D 245 10.03 6.02 41.52
CA LYS D 245 9.42 5.23 40.45
C LYS D 245 10.49 4.59 39.56
N TYR D 246 11.25 5.42 38.85
CA TYR D 246 12.20 4.96 37.87
C TYR D 246 13.58 4.73 38.48
N HIS D 247 13.67 4.80 39.81
CA HIS D 247 14.90 4.51 40.54
C HIS D 247 16.09 5.36 40.06
N GLY D 248 15.89 6.68 39.94
CA GLY D 248 17.01 7.58 39.74
C GLY D 248 18.17 7.04 38.91
N VAL D 249 17.85 6.50 37.74
CA VAL D 249 18.86 5.82 36.95
C VAL D 249 19.63 6.85 36.12
N SER D 250 19.03 8.02 36.05
CA SER D 250 19.61 9.11 35.26
C SER D 250 20.71 9.87 36.01
N LEU D 251 20.75 9.73 37.35
CA LEU D 251 21.88 10.22 38.17
C LEU D 251 23.05 9.24 38.08
N LEU D 252 22.78 7.97 37.78
CA LEU D 252 23.83 7.01 37.41
C LEU D 252 24.92 7.62 36.52
N ASN D 253 25.87 6.79 36.06
CA ASN D 253 27.22 7.26 35.70
C ASN D 253 27.75 6.47 34.50
N PRO D 254 27.42 6.91 33.30
CA PRO D 254 27.80 6.14 32.12
C PRO D 254 29.17 5.61 32.37
N PRO D 255 29.48 4.43 31.89
CA PRO D 255 30.88 4.01 31.73
C PRO D 255 31.60 4.99 30.80
N GLU D 256 32.91 4.83 30.63
CA GLU D 256 33.60 5.67 29.68
C GLU D 256 34.16 4.88 28.50
N THR D 257 34.87 3.78 28.73
CA THR D 257 35.08 2.80 27.68
C THR D 257 33.89 1.85 27.63
N LEU D 258 33.77 1.14 26.50
CA LEU D 258 32.74 0.11 26.33
C LEU D 258 33.36 -1.25 26.04
N ASN D 259 34.66 -1.26 25.74
CA ASN D 259 35.40 -2.51 25.62
C ASN D 259 35.05 -3.32 24.37
N LEU D 260 34.59 -2.65 23.32
CA LEU D 260 34.30 -3.32 22.04
C LEU D 260 35.06 -2.68 20.87
N LEU E 3 -24.42 -11.75 -20.86
CA LEU E 3 -23.89 -13.02 -20.39
C LEU E 3 -24.74 -13.59 -19.31
N ILE E 4 -25.44 -14.71 -19.58
CA ILE E 4 -26.15 -15.40 -18.49
C ILE E 4 -25.22 -16.40 -17.90
N LEU F 3 5.37 26.13 22.08
CA LEU F 3 6.77 26.22 21.66
C LEU F 3 6.98 27.24 20.58
N ILE F 4 7.99 28.08 20.82
CA ILE F 4 8.60 28.89 19.78
C ILE F 4 9.63 28.06 19.08
#